data_2LOA
# 
_entry.id   2LOA 
# 
_audit_conform.dict_name       mmcif_pdbx.dic 
_audit_conform.dict_version    5.392 
_audit_conform.dict_location   http://mmcif.pdb.org/dictionaries/ascii/mmcif_pdbx.dic 
# 
loop_
_database_2.database_id 
_database_2.database_code 
_database_2.pdbx_database_accession 
_database_2.pdbx_DOI 
PDB   2LOA         pdb_00002loa 10.2210/pdb2loa/pdb 
RCSB  RCSB102628   ?            ?                   
BMRB  18199        ?            10.13018/BMR18199   
WWPDB D_1000102628 ?            ?                   
# 
loop_
_pdbx_audit_revision_history.ordinal 
_pdbx_audit_revision_history.data_content_type 
_pdbx_audit_revision_history.major_revision 
_pdbx_audit_revision_history.minor_revision 
_pdbx_audit_revision_history.revision_date 
1 'Structure model' 1 0 2012-03-14 
2 'Structure model' 1 1 2012-05-23 
3 'Structure model' 1 2 2023-06-14 
4 'Structure model' 1 3 2024-05-15 
# 
_pdbx_audit_revision_details.ordinal             1 
_pdbx_audit_revision_details.revision_ordinal    1 
_pdbx_audit_revision_details.data_content_type   'Structure model' 
_pdbx_audit_revision_details.provider            repository 
_pdbx_audit_revision_details.type                'Initial release' 
_pdbx_audit_revision_details.description         ? 
_pdbx_audit_revision_details.details             ? 
# 
loop_
_pdbx_audit_revision_group.ordinal 
_pdbx_audit_revision_group.revision_ordinal 
_pdbx_audit_revision_group.data_content_type 
_pdbx_audit_revision_group.group 
1 2 'Structure model' 'Database references'  
2 3 'Structure model' 'Data collection'      
3 3 'Structure model' 'Database references'  
4 3 'Structure model' 'Derived calculations' 
5 3 'Structure model' Other                  
6 4 'Structure model' 'Data collection'      
7 4 'Structure model' 'Database references'  
# 
loop_
_pdbx_audit_revision_category.ordinal 
_pdbx_audit_revision_category.revision_ordinal 
_pdbx_audit_revision_category.data_content_type 
_pdbx_audit_revision_category.category 
1 3 'Structure model' database_2           
2 3 'Structure model' pdbx_database_status 
3 3 'Structure model' pdbx_nmr_software    
4 3 'Structure model' struct_site          
5 4 'Structure model' chem_comp_atom       
6 4 'Structure model' chem_comp_bond       
7 4 'Structure model' database_2           
# 
loop_
_pdbx_audit_revision_item.ordinal 
_pdbx_audit_revision_item.revision_ordinal 
_pdbx_audit_revision_item.data_content_type 
_pdbx_audit_revision_item.item 
1 3 'Structure model' '_database_2.pdbx_DOI'                       
2 3 'Structure model' '_database_2.pdbx_database_accession'        
3 3 'Structure model' '_pdbx_database_status.status_code_nmr_data' 
4 3 'Structure model' '_pdbx_nmr_software.name'                    
5 3 'Structure model' '_struct_site.pdbx_auth_asym_id'             
6 3 'Structure model' '_struct_site.pdbx_auth_comp_id'             
7 3 'Structure model' '_struct_site.pdbx_auth_seq_id'              
8 4 'Structure model' '_database_2.pdbx_DOI'                       
# 
_pdbx_database_status.deposit_site                    BMRB 
_pdbx_database_status.entry_id                        2LOA 
_pdbx_database_status.process_site                    RCSB 
_pdbx_database_status.recvd_initial_deposition_date   2012-01-20 
_pdbx_database_status.SG_entry                        ? 
_pdbx_database_status.status_code                     REL 
_pdbx_database_status.status_code_mr                  REL 
_pdbx_database_status.status_code_sf                  ? 
_pdbx_database_status.status_code_cs                  REL 
_pdbx_database_status.methods_development_category    ? 
_pdbx_database_status.pdb_format_compatible           Y 
_pdbx_database_status.status_code_nmr_data            REL 
# 
loop_
_pdbx_database_related.content_type 
_pdbx_database_related.db_id 
_pdbx_database_related.db_name 
_pdbx_database_related.details 
unspecified 2lo5  PDB  . 
unspecified 2lo8  PDB  . 
unspecified 18199 BMRB . 
# 
loop_
_audit_author.name 
_audit_author.pdbx_ordinal 
'Morrow, J.R.'    1 
'Fountain, M.A.'  2 
'del Mundo, I.A.' 3 
'Siter, K.E.'     4 
# 
_citation.id                        primary 
_citation.title                     
'Structural Basis for Bifunctional Zinc(II) Macrocyclic Complex Recognition of Thymine Bulges in DNA.' 
_citation.journal_abbrev            Inorg.Chem. 
_citation.journal_volume            51 
_citation.page_first                5444 
_citation.page_last                 5457 
_citation.year                      2012 
_citation.journal_id_ASTM           INOCAJ 
_citation.country                   US 
_citation.journal_id_ISSN           0020-1669 
_citation.journal_id_CSD            0009 
_citation.book_publisher            ? 
_citation.pdbx_database_id_PubMed   22507054 
_citation.pdbx_database_id_DOI      10.1021/ic3004245 
# 
loop_
_citation_author.citation_id 
_citation_author.name 
_citation_author.ordinal 
_citation_author.identifier_ORCID 
primary 'Del Mundo, I.M.' 1 ? 
primary 'Siters, K.E.'    2 ? 
primary 'Fountain, M.A.'  3 ? 
primary 'Morrow, J.R.'    4 ? 
# 
loop_
_entity.id 
_entity.type 
_entity.src_method 
_entity.pdbx_description 
_entity.formula_weight 
_entity.pdbx_number_of_molecules 
_entity.pdbx_ec 
_entity.pdbx_mutation 
_entity.pdbx_fragment 
_entity.details 
1 polymer     syn 
;DNA (5'-D(*GP*CP*CP*GP*CP*AP*GP*TP*GP*C)-3')
;
3045.993 1 ? ? ? ? 
2 non-polymer syn '4-(1,4,7,10-tetraazacyclododecan-1-ylmethyl)quinoline' 313.440  1 ? ? ? ? 
3 non-polymer syn 'ZINC ION'                                              65.409   1 ? ? ? ? 
# 
_entity_poly.entity_id                      1 
_entity_poly.type                           polydeoxyribonucleotide 
_entity_poly.nstd_linkage                   no 
_entity_poly.nstd_monomer                   no 
_entity_poly.pdbx_seq_one_letter_code       '(DG)(DC)(DC)(DG)(DC)(DA)(DG)(DT)(DG)(DC)' 
_entity_poly.pdbx_seq_one_letter_code_can   GCCGCAGTGC 
_entity_poly.pdbx_strand_id                 A 
_entity_poly.pdbx_target_identifier         ? 
# 
loop_
_pdbx_entity_nonpoly.entity_id 
_pdbx_entity_nonpoly.name 
_pdbx_entity_nonpoly.comp_id 
2 '4-(1,4,7,10-tetraazacyclododecan-1-ylmethyl)quinoline' C4Q 
3 'ZINC ION'                                              ZN  
# 
loop_
_entity_poly_seq.entity_id 
_entity_poly_seq.num 
_entity_poly_seq.mon_id 
_entity_poly_seq.hetero 
1 1  DG n 
1 2  DC n 
1 3  DC n 
1 4  DG n 
1 5  DC n 
1 6  DA n 
1 7  DG n 
1 8  DT n 
1 9  DG n 
1 10 DC n 
# 
loop_
_chem_comp.id 
_chem_comp.type 
_chem_comp.mon_nstd_flag 
_chem_comp.name 
_chem_comp.pdbx_synonyms 
_chem_comp.formula 
_chem_comp.formula_weight 
C4Q non-polymer   . '4-(1,4,7,10-tetraazacyclododecan-1-ylmethyl)quinoline' ? 'C18 H27 N5'      313.440 
DA  'DNA linking' y "2'-DEOXYADENOSINE-5'-MONOPHOSPHATE"                    ? 'C10 H14 N5 O6 P' 331.222 
DC  'DNA linking' y "2'-DEOXYCYTIDINE-5'-MONOPHOSPHATE"                     ? 'C9 H14 N3 O7 P'  307.197 
DG  'DNA linking' y "2'-DEOXYGUANOSINE-5'-MONOPHOSPHATE"                    ? 'C10 H14 N5 O7 P' 347.221 
DT  'DNA linking' y "THYMIDINE-5'-MONOPHOSPHATE"                            ? 'C10 H15 N2 O8 P' 322.208 
ZN  non-polymer   . 'ZINC ION'                                              ? 'Zn 2'            65.409  
# 
loop_
_pdbx_poly_seq_scheme.asym_id 
_pdbx_poly_seq_scheme.entity_id 
_pdbx_poly_seq_scheme.seq_id 
_pdbx_poly_seq_scheme.mon_id 
_pdbx_poly_seq_scheme.ndb_seq_num 
_pdbx_poly_seq_scheme.pdb_seq_num 
_pdbx_poly_seq_scheme.auth_seq_num 
_pdbx_poly_seq_scheme.pdb_mon_id 
_pdbx_poly_seq_scheme.auth_mon_id 
_pdbx_poly_seq_scheme.pdb_strand_id 
_pdbx_poly_seq_scheme.pdb_ins_code 
_pdbx_poly_seq_scheme.hetero 
A 1 1  DG 1  2  2  DG DG A . n 
A 1 2  DC 2  3  3  DC DC A . n 
A 1 3  DC 3  4  4  DC DC A . n 
A 1 4  DG 4  5  5  DG DG A . n 
A 1 5  DC 5  6  6  DC DC A . n 
A 1 6  DA 6  7  7  DA DA A . n 
A 1 7  DG 7  8  8  DG DG A . n 
A 1 8  DT 8  9  9  DT DT A . n 
A 1 9  DG 9  10 10 DG DG A . n 
A 1 10 DC 10 11 11 DC DC A . n 
# 
loop_
_pdbx_nonpoly_scheme.asym_id 
_pdbx_nonpoly_scheme.entity_id 
_pdbx_nonpoly_scheme.mon_id 
_pdbx_nonpoly_scheme.ndb_seq_num 
_pdbx_nonpoly_scheme.pdb_seq_num 
_pdbx_nonpoly_scheme.auth_seq_num 
_pdbx_nonpoly_scheme.pdb_mon_id 
_pdbx_nonpoly_scheme.auth_mon_id 
_pdbx_nonpoly_scheme.pdb_strand_id 
_pdbx_nonpoly_scheme.pdb_ins_code 
B 2 C4Q 1 101 12 C4Q C4Q A . 
C 3 ZN  1 102 13 ZN  C4Q A . 
# 
_exptl.absorpt_coefficient_mu     ? 
_exptl.absorpt_correction_T_max   ? 
_exptl.absorpt_correction_T_min   ? 
_exptl.absorpt_correction_type    ? 
_exptl.absorpt_process_details    ? 
_exptl.crystals_number            ? 
_exptl.details                    
'NMR structure if a thymine bulge with a Zn 1-(4-quinoylyl)methyl-1,4,7,10-tetraazacyclododecane complex bound' 
_exptl.entry_id                   2LOA 
_exptl.method                     'SOLUTION NMR' 
_exptl.method_details             ? 
# 
_struct.entry_id                  2LOA 
_struct.title                     
'Structural Basis for Bifunctional Zn(II) Macrocyclic Complex Recognition of Thymine Bulges in DNA' 
_struct.pdbx_model_details        'most favorable docked structure, model 1' 
_struct.pdbx_CASP_flag            ? 
_struct.pdbx_model_type_details   ? 
# 
_struct_keywords.entry_id        2LOA 
_struct_keywords.pdbx_keywords   DNA 
_struct_keywords.text            'thymine bulge, BIFUNCTIONAL ZN(II) MACROCYCLIC COMPLEX, DNA, cyclen' 
# 
loop_
_struct_asym.id 
_struct_asym.pdbx_blank_PDB_chainid_flag 
_struct_asym.pdbx_modified 
_struct_asym.entity_id 
_struct_asym.details 
A N N 1 ? 
B N N 2 ? 
C N N 3 ? 
# 
_struct_ref.id                         1 
_struct_ref.db_name                    PDB 
_struct_ref.db_code                    2LOA 
_struct_ref.pdbx_db_accession          2LOA 
_struct_ref.entity_id                  1 
_struct_ref.pdbx_align_begin           ? 
_struct_ref.pdbx_seq_one_letter_code   ? 
_struct_ref.pdbx_db_isoform            ? 
# 
_struct_ref_seq.align_id                      1 
_struct_ref_seq.ref_id                        1 
_struct_ref_seq.pdbx_PDB_id_code              2LOA 
_struct_ref_seq.pdbx_strand_id                A 
_struct_ref_seq.seq_align_beg                 1 
_struct_ref_seq.pdbx_seq_align_beg_ins_code   ? 
_struct_ref_seq.seq_align_end                 10 
_struct_ref_seq.pdbx_seq_align_end_ins_code   ? 
_struct_ref_seq.pdbx_db_accession             2LOA 
_struct_ref_seq.db_align_beg                  2 
_struct_ref_seq.pdbx_db_align_beg_ins_code    ? 
_struct_ref_seq.db_align_end                  11 
_struct_ref_seq.pdbx_db_align_end_ins_code    ? 
_struct_ref_seq.pdbx_auth_seq_align_beg       2 
_struct_ref_seq.pdbx_auth_seq_align_end       11 
# 
_pdbx_struct_assembly.id                   1 
_pdbx_struct_assembly.details              author_defined_assembly 
_pdbx_struct_assembly.method_details       ? 
_pdbx_struct_assembly.oligomeric_details   monomeric 
_pdbx_struct_assembly.oligomeric_count     1 
# 
_pdbx_struct_assembly_gen.assembly_id       1 
_pdbx_struct_assembly_gen.oper_expression   1 
_pdbx_struct_assembly_gen.asym_id_list      A,B,C 
# 
_pdbx_struct_oper_list.id                   1 
_pdbx_struct_oper_list.type                 'identity operation' 
_pdbx_struct_oper_list.name                 1_555 
_pdbx_struct_oper_list.symmetry_operation   x,y,z 
_pdbx_struct_oper_list.matrix[1][1]         1.0000000000 
_pdbx_struct_oper_list.matrix[1][2]         0.0000000000 
_pdbx_struct_oper_list.matrix[1][3]         0.0000000000 
_pdbx_struct_oper_list.vector[1]            0.0000000000 
_pdbx_struct_oper_list.matrix[2][1]         0.0000000000 
_pdbx_struct_oper_list.matrix[2][2]         1.0000000000 
_pdbx_struct_oper_list.matrix[2][3]         0.0000000000 
_pdbx_struct_oper_list.vector[2]            0.0000000000 
_pdbx_struct_oper_list.matrix[3][1]         0.0000000000 
_pdbx_struct_oper_list.matrix[3][2]         0.0000000000 
_pdbx_struct_oper_list.matrix[3][3]         1.0000000000 
_pdbx_struct_oper_list.vector[3]            0.0000000000 
# 
_struct_biol.id        1 
_struct_biol.details   ? 
# 
loop_
_struct_conn.id 
_struct_conn.conn_type_id 
_struct_conn.pdbx_leaving_atom_flag 
_struct_conn.pdbx_PDB_id 
_struct_conn.ptnr1_label_asym_id 
_struct_conn.ptnr1_label_comp_id 
_struct_conn.ptnr1_label_seq_id 
_struct_conn.ptnr1_label_atom_id 
_struct_conn.pdbx_ptnr1_label_alt_id 
_struct_conn.pdbx_ptnr1_PDB_ins_code 
_struct_conn.pdbx_ptnr1_standard_comp_id 
_struct_conn.ptnr1_symmetry 
_struct_conn.ptnr2_label_asym_id 
_struct_conn.ptnr2_label_comp_id 
_struct_conn.ptnr2_label_seq_id 
_struct_conn.ptnr2_label_atom_id 
_struct_conn.pdbx_ptnr2_label_alt_id 
_struct_conn.pdbx_ptnr2_PDB_ins_code 
_struct_conn.ptnr1_auth_asym_id 
_struct_conn.ptnr1_auth_comp_id 
_struct_conn.ptnr1_auth_seq_id 
_struct_conn.ptnr2_auth_asym_id 
_struct_conn.ptnr2_auth_comp_id 
_struct_conn.ptnr2_auth_seq_id 
_struct_conn.ptnr2_symmetry 
_struct_conn.pdbx_ptnr3_label_atom_id 
_struct_conn.pdbx_ptnr3_label_seq_id 
_struct_conn.pdbx_ptnr3_label_comp_id 
_struct_conn.pdbx_ptnr3_label_asym_id 
_struct_conn.pdbx_ptnr3_label_alt_id 
_struct_conn.pdbx_ptnr3_PDB_ins_code 
_struct_conn.details 
_struct_conn.pdbx_dist_value 
_struct_conn.pdbx_value_order 
_struct_conn.pdbx_role 
metalc1  metalc ? ? A DT  8 O2    ? ? ? 1_555 C ZN .  ZN ? ? A DT  9   A ZN 102 1_555 ? ? ? ? ? ? ?            1.885 ? ? 
metalc2  metalc ? ? B C4Q . "N4'" ? ? ? 1_555 C ZN .  ZN ? ? A C4Q 101 A ZN 102 1_555 ? ? ? ? ? ? ?            2.635 ? ? 
metalc3  metalc ? ? B C4Q . "N3'" ? ? ? 1_555 C ZN .  ZN ? ? A C4Q 101 A ZN 102 1_555 ? ? ? ? ? ? ?            2.670 ? ? 
hydrog1  hydrog ? ? A DG  1 N1    ? ? ? 1_555 A DC 10 N3 ? ? A DG  2   A DC 11  1_555 ? ? ? ? ? ? WATSON-CRICK ?     ? ? 
hydrog2  hydrog ? ? A DG  1 N2    ? ? ? 1_555 A DC 10 O2 ? ? A DG  2   A DC 11  1_555 ? ? ? ? ? ? WATSON-CRICK ?     ? ? 
hydrog3  hydrog ? ? A DG  1 O6    ? ? ? 1_555 A DC 10 N4 ? ? A DG  2   A DC 11  1_555 ? ? ? ? ? ? WATSON-CRICK ?     ? ? 
hydrog4  hydrog ? ? A DC  2 N3    ? ? ? 1_555 A DG 9  N1 ? ? A DC  3   A DG 10  1_555 ? ? ? ? ? ? WATSON-CRICK ?     ? ? 
hydrog5  hydrog ? ? A DC  2 N4    ? ? ? 1_555 A DG 9  O6 ? ? A DC  3   A DG 10  1_555 ? ? ? ? ? ? WATSON-CRICK ?     ? ? 
hydrog6  hydrog ? ? A DC  2 O2    ? ? ? 1_555 A DG 9  N2 ? ? A DC  3   A DG 10  1_555 ? ? ? ? ? ? WATSON-CRICK ?     ? ? 
hydrog7  hydrog ? ? A DC  3 N3    ? ? ? 1_555 A DG 7  N1 ? ? A DC  4   A DG 8   1_555 ? ? ? ? ? ? WATSON-CRICK ?     ? ? 
hydrog8  hydrog ? ? A DC  3 N4    ? ? ? 1_555 A DG 7  O6 ? ? A DC  4   A DG 8   1_555 ? ? ? ? ? ? WATSON-CRICK ?     ? ? 
hydrog9  hydrog ? ? A DC  3 O2    ? ? ? 1_555 A DG 7  N2 ? ? A DC  4   A DG 8   1_555 ? ? ? ? ? ? WATSON-CRICK ?     ? ? 
hydrog10 hydrog ? ? A DG  4 N2    ? ? ? 1_555 A DA 6  N7 ? ? A DG  5   A DA 7   1_555 ? ? ? ? ? ? TYPE_11_PAIR ?     ? ? 
hydrog11 hydrog ? ? A DG  4 N3    ? ? ? 1_555 A DA 6  N6 ? ? A DG  5   A DA 7   1_555 ? ? ? ? ? ? TYPE_11_PAIR ?     ? ? 
# 
loop_
_struct_conn_type.id 
_struct_conn_type.criteria 
_struct_conn_type.reference 
metalc ? ? 
hydrog ? ? 
# 
loop_
_pdbx_struct_conn_angle.id 
_pdbx_struct_conn_angle.ptnr1_label_atom_id 
_pdbx_struct_conn_angle.ptnr1_label_alt_id 
_pdbx_struct_conn_angle.ptnr1_label_asym_id 
_pdbx_struct_conn_angle.ptnr1_label_comp_id 
_pdbx_struct_conn_angle.ptnr1_label_seq_id 
_pdbx_struct_conn_angle.ptnr1_auth_atom_id 
_pdbx_struct_conn_angle.ptnr1_auth_asym_id 
_pdbx_struct_conn_angle.ptnr1_auth_comp_id 
_pdbx_struct_conn_angle.ptnr1_auth_seq_id 
_pdbx_struct_conn_angle.ptnr1_PDB_ins_code 
_pdbx_struct_conn_angle.ptnr1_symmetry 
_pdbx_struct_conn_angle.ptnr2_label_atom_id 
_pdbx_struct_conn_angle.ptnr2_label_alt_id 
_pdbx_struct_conn_angle.ptnr2_label_asym_id 
_pdbx_struct_conn_angle.ptnr2_label_comp_id 
_pdbx_struct_conn_angle.ptnr2_label_seq_id 
_pdbx_struct_conn_angle.ptnr2_auth_atom_id 
_pdbx_struct_conn_angle.ptnr2_auth_asym_id 
_pdbx_struct_conn_angle.ptnr2_auth_comp_id 
_pdbx_struct_conn_angle.ptnr2_auth_seq_id 
_pdbx_struct_conn_angle.ptnr2_PDB_ins_code 
_pdbx_struct_conn_angle.ptnr2_symmetry 
_pdbx_struct_conn_angle.ptnr3_label_atom_id 
_pdbx_struct_conn_angle.ptnr3_label_alt_id 
_pdbx_struct_conn_angle.ptnr3_label_asym_id 
_pdbx_struct_conn_angle.ptnr3_label_comp_id 
_pdbx_struct_conn_angle.ptnr3_label_seq_id 
_pdbx_struct_conn_angle.ptnr3_auth_atom_id 
_pdbx_struct_conn_angle.ptnr3_auth_asym_id 
_pdbx_struct_conn_angle.ptnr3_auth_comp_id 
_pdbx_struct_conn_angle.ptnr3_auth_seq_id 
_pdbx_struct_conn_angle.ptnr3_PDB_ins_code 
_pdbx_struct_conn_angle.ptnr3_symmetry 
_pdbx_struct_conn_angle.value 
_pdbx_struct_conn_angle.value_esd 
1 O2    ? A DT  8 ? A DT  9   ? 1_555 ZN ? C ZN . ? A ZN 102 ? 1_555 "N4'" ? B C4Q . ? A C4Q 101 ? 1_555 171.4 ? 
2 O2    ? A DT  8 ? A DT  9   ? 1_555 ZN ? C ZN . ? A ZN 102 ? 1_555 "N3'" ? B C4Q . ? A C4Q 101 ? 1_555 108.3 ? 
3 "N4'" ? B C4Q . ? A C4Q 101 ? 1_555 ZN ? C ZN . ? A ZN 102 ? 1_555 "N3'" ? B C4Q . ? A C4Q 101 ? 1_555 64.6  ? 
# 
loop_
_struct_site.id 
_struct_site.pdbx_evidence_code 
_struct_site.pdbx_auth_asym_id 
_struct_site.pdbx_auth_comp_id 
_struct_site.pdbx_auth_seq_id 
_struct_site.pdbx_auth_ins_code 
_struct_site.pdbx_num_residues 
_struct_site.details 
AC1 Software A C4Q 101 ? 3 'BINDING SITE FOR RESIDUE C4Q A 101' 
AC2 Software A ZN  102 ? 2 'BINDING SITE FOR RESIDUE ZN A 102'  
1   ?        ? ?   ?   ? ? ?                                    
# 
loop_
_struct_site_gen.id 
_struct_site_gen.site_id 
_struct_site_gen.pdbx_num_res 
_struct_site_gen.label_comp_id 
_struct_site_gen.label_asym_id 
_struct_site_gen.label_seq_id 
_struct_site_gen.pdbx_auth_ins_code 
_struct_site_gen.auth_comp_id 
_struct_site_gen.auth_asym_id 
_struct_site_gen.auth_seq_id 
_struct_site_gen.label_atom_id 
_struct_site_gen.label_alt_id 
_struct_site_gen.symmetry 
_struct_site_gen.details 
1 AC1 3 DG  A 7 ? DG  A 8   . ? 1_555 ? 
2 AC1 3 DT  A 8 ? DT  A 9   . ? 1_555 ? 
3 AC1 3 ZN  C . ? ZN  A 102 . ? 1_555 ? 
4 AC2 2 DT  A 8 ? DT  A 9   . ? 1_555 ? 
5 AC2 2 C4Q B . ? C4Q A 101 . ? 1_555 ? 
# 
_pdbx_validate_close_contact.id               1 
_pdbx_validate_close_contact.PDB_model_num    1 
_pdbx_validate_close_contact.auth_atom_id_1   N3 
_pdbx_validate_close_contact.auth_asym_id_1   A 
_pdbx_validate_close_contact.auth_comp_id_1   DT 
_pdbx_validate_close_contact.auth_seq_id_1    9 
_pdbx_validate_close_contact.PDB_ins_code_1   ? 
_pdbx_validate_close_contact.label_alt_id_1   ? 
_pdbx_validate_close_contact.auth_atom_id_2   ZN 
_pdbx_validate_close_contact.auth_asym_id_2   A 
_pdbx_validate_close_contact.auth_comp_id_2   ZN 
_pdbx_validate_close_contact.auth_seq_id_2    102 
_pdbx_validate_close_contact.PDB_ins_code_2   ? 
_pdbx_validate_close_contact.label_alt_id_2   ? 
_pdbx_validate_close_contact.dist             1.50 
# 
loop_
_pdbx_validate_rmsd_bond.id 
_pdbx_validate_rmsd_bond.PDB_model_num 
_pdbx_validate_rmsd_bond.auth_atom_id_1 
_pdbx_validate_rmsd_bond.auth_asym_id_1 
_pdbx_validate_rmsd_bond.auth_comp_id_1 
_pdbx_validate_rmsd_bond.auth_seq_id_1 
_pdbx_validate_rmsd_bond.PDB_ins_code_1 
_pdbx_validate_rmsd_bond.label_alt_id_1 
_pdbx_validate_rmsd_bond.auth_atom_id_2 
_pdbx_validate_rmsd_bond.auth_asym_id_2 
_pdbx_validate_rmsd_bond.auth_comp_id_2 
_pdbx_validate_rmsd_bond.auth_seq_id_2 
_pdbx_validate_rmsd_bond.PDB_ins_code_2 
_pdbx_validate_rmsd_bond.label_alt_id_2 
_pdbx_validate_rmsd_bond.bond_value 
_pdbx_validate_rmsd_bond.bond_target_value 
_pdbx_validate_rmsd_bond.bond_deviation 
_pdbx_validate_rmsd_bond.bond_standard_deviation 
_pdbx_validate_rmsd_bond.linker_flag 
1 1 "O4'" A DG 8 ? ? "C4'" A DG 8 ? ? 1.375 1.446 -0.071 0.010 N 
2 1 "O4'" A DT 9 ? ? "C4'" A DT 9 ? ? 1.377 1.446 -0.069 0.010 N 
3 1 C4    A DT 9 ? ? O4    A DT 9 ? ? 1.121 1.228 -0.107 0.009 N 
# 
loop_
_pdbx_validate_rmsd_angle.id 
_pdbx_validate_rmsd_angle.PDB_model_num 
_pdbx_validate_rmsd_angle.auth_atom_id_1 
_pdbx_validate_rmsd_angle.auth_asym_id_1 
_pdbx_validate_rmsd_angle.auth_comp_id_1 
_pdbx_validate_rmsd_angle.auth_seq_id_1 
_pdbx_validate_rmsd_angle.PDB_ins_code_1 
_pdbx_validate_rmsd_angle.label_alt_id_1 
_pdbx_validate_rmsd_angle.auth_atom_id_2 
_pdbx_validate_rmsd_angle.auth_asym_id_2 
_pdbx_validate_rmsd_angle.auth_comp_id_2 
_pdbx_validate_rmsd_angle.auth_seq_id_2 
_pdbx_validate_rmsd_angle.PDB_ins_code_2 
_pdbx_validate_rmsd_angle.label_alt_id_2 
_pdbx_validate_rmsd_angle.auth_atom_id_3 
_pdbx_validate_rmsd_angle.auth_asym_id_3 
_pdbx_validate_rmsd_angle.auth_comp_id_3 
_pdbx_validate_rmsd_angle.auth_seq_id_3 
_pdbx_validate_rmsd_angle.PDB_ins_code_3 
_pdbx_validate_rmsd_angle.label_alt_id_3 
_pdbx_validate_rmsd_angle.angle_value 
_pdbx_validate_rmsd_angle.angle_target_value 
_pdbx_validate_rmsd_angle.angle_deviation 
_pdbx_validate_rmsd_angle.angle_standard_deviation 
_pdbx_validate_rmsd_angle.linker_flag 
1  1 "O4'" A DG 2  ? ? "C4'" A DG 2  ? ? "C3'" A DG 2  ? ? 102.03 104.50 -2.47 0.40 N 
2  1 "C1'" A DG 2  ? ? "O4'" A DG 2  ? ? "C4'" A DG 2  ? ? 115.09 110.30 4.79  0.70 N 
3  1 "O4'" A DG 2  ? ? "C1'" A DG 2  ? ? N9    A DG 2  ? ? 111.21 108.30 2.91  0.30 N 
4  1 C6    A DG 2  ? ? N1    A DG 2  ? ? C2    A DG 2  ? ? 118.50 125.10 -6.60 0.60 N 
5  1 N1    A DG 2  ? ? C2    A DG 2  ? ? N3    A DG 2  ? ? 129.11 123.90 5.21  0.60 N 
6  1 C5    A DG 2  ? ? C6    A DG 2  ? ? N1    A DG 2  ? ? 117.40 111.50 5.90  0.50 N 
7  1 "O4'" A DC 3  ? ? "C1'" A DC 3  ? ? N1    A DC 3  ? ? 111.15 108.30 2.85  0.30 N 
8  1 "O4'" A DC 4  ? ? "C1'" A DC 4  ? ? N1    A DC 4  ? ? 111.17 108.30 2.87  0.30 N 
9  1 "C1'" A DG 5  ? ? "O4'" A DG 5  ? ? "C4'" A DG 5  ? ? 115.20 110.30 4.90  0.70 N 
10 1 "O4'" A DG 5  ? ? "C1'" A DG 5  ? ? N9    A DG 5  ? ? 111.15 108.30 2.85  0.30 N 
11 1 C6    A DG 5  ? ? N1    A DG 5  ? ? C2    A DG 5  ? ? 118.46 125.10 -6.64 0.60 N 
12 1 N1    A DG 5  ? ? C2    A DG 5  ? ? N3    A DG 5  ? ? 129.13 123.90 5.23  0.60 N 
13 1 C5    A DG 5  ? ? C6    A DG 5  ? ? N1    A DG 5  ? ? 117.44 111.50 5.94  0.50 N 
14 1 "O4'" A DC 6  ? ? "C1'" A DC 6  ? ? N1    A DC 6  ? ? 111.15 108.30 2.85  0.30 N 
15 1 "O4'" A DA 7  ? ? "C4'" A DA 7  ? ? "C3'" A DA 7  ? ? 98.98  104.50 -5.52 0.40 N 
16 1 "C1'" A DA 7  ? ? "O4'" A DA 7  ? ? "C4'" A DA 7  ? ? 117.32 110.30 7.02  0.70 N 
17 1 "O4'" A DA 7  ? ? "C1'" A DA 7  ? ? N9    A DA 7  ? ? 111.17 108.30 2.87  0.30 N 
18 1 "O4'" A DG 8  ? ? "C4'" A DG 8  ? ? "C3'" A DG 8  ? ? 97.93  104.50 -6.57 0.40 N 
19 1 "O4'" A DG 8  ? ? "C1'" A DG 8  ? ? N9    A DG 8  ? ? 111.23 108.30 2.93  0.30 N 
20 1 C6    A DG 8  ? ? N1    A DG 8  ? ? C2    A DG 8  ? ? 118.55 125.10 -6.55 0.60 N 
21 1 N1    A DG 8  ? ? C2    A DG 8  ? ? N3    A DG 8  ? ? 129.08 123.90 5.18  0.60 N 
22 1 C5    A DG 8  ? ? C6    A DG 8  ? ? N1    A DG 8  ? ? 117.35 111.50 5.85  0.50 N 
23 1 "O4'" A DT 9  ? ? "C4'" A DT 9  ? ? "C3'" A DT 9  ? ? 94.90  104.50 -9.60 0.40 N 
24 1 "C5'" A DT 9  ? ? "C4'" A DT 9  ? ? "O4'" A DT 9  ? ? 120.56 109.80 10.76 1.10 N 
25 1 "C1'" A DT 9  ? ? "O4'" A DT 9  ? ? "C4'" A DT 9  ? ? 116.85 110.30 6.55  0.70 N 
26 1 "O4'" A DT 9  ? ? "C1'" A DT 9  ? ? N1    A DT 9  ? ? 111.20 108.30 2.90  0.30 N 
27 1 C2    A DT 9  ? ? N3    A DT 9  ? ? C4    A DT 9  ? ? 123.60 127.20 -3.60 0.60 N 
28 1 N3    A DT 9  ? ? C4    A DT 9  ? ? O4    A DT 9  ? ? 113.12 119.90 -6.78 0.60 N 
29 1 "O4'" A DG 10 ? ? "C1'" A DG 10 ? ? N9    A DG 10 ? ? 111.17 108.30 2.87  0.30 N 
30 1 C6    A DG 10 ? ? N1    A DG 10 ? ? C2    A DG 10 ? ? 118.52 125.10 -6.58 0.60 N 
31 1 N1    A DG 10 ? ? C2    A DG 10 ? ? N3    A DG 10 ? ? 129.11 123.90 5.21  0.60 N 
32 1 C5    A DG 10 ? ? C6    A DG 10 ? ? N1    A DG 10 ? ? 117.35 111.50 5.85  0.50 N 
33 1 "O4'" A DC 11 ? ? "C1'" A DC 11 ? ? N1    A DC 11 ? ? 111.18 108.30 2.88  0.30 N 
# 
_pdbx_validate_planes.id              1 
_pdbx_validate_planes.PDB_model_num   1 
_pdbx_validate_planes.auth_comp_id    DT 
_pdbx_validate_planes.auth_asym_id    A 
_pdbx_validate_planes.auth_seq_id     9 
_pdbx_validate_planes.PDB_ins_code    ? 
_pdbx_validate_planes.label_alt_id    ? 
_pdbx_validate_planes.rmsd            0.055 
_pdbx_validate_planes.type            'SIDE CHAIN' 
# 
_struct_site_keywords.site_id   1 
_struct_site_keywords.text      'OUTSIDE BINDER' 
# 
_pdbx_nmr_ensemble.average_constraint_violations_per_residue     ? 
_pdbx_nmr_ensemble.average_constraints_per_residue               ? 
_pdbx_nmr_ensemble.average_distance_constraint_violation         ? 
_pdbx_nmr_ensemble.average_torsion_angle_constraint_violation    ? 
_pdbx_nmr_ensemble.conformer_selection_criteria                  'structures with acceptable covalent geometry' 
_pdbx_nmr_ensemble.conformers_calculated_total_number            1 
_pdbx_nmr_ensemble.conformers_submitted_total_number             1 
_pdbx_nmr_ensemble.distance_constraint_violation_method          ? 
_pdbx_nmr_ensemble.entry_id                                      2LOA 
_pdbx_nmr_ensemble.maximum_distance_constraint_violation         ? 
_pdbx_nmr_ensemble.maximum_lower_distance_constraint_violation   ? 
_pdbx_nmr_ensemble.maximum_torsion_angle_constraint_violation    ? 
_pdbx_nmr_ensemble.maximum_upper_distance_constraint_violation   ? 
_pdbx_nmr_ensemble.torsion_angle_constraint_violation_method     ? 
# 
_pdbx_nmr_representative.conformer_id         1 
_pdbx_nmr_representative.entry_id             2LOA 
_pdbx_nmr_representative.selection_criteria   'most favorable docked structure' 
# 
loop_
_pdbx_nmr_sample_details.contents 
_pdbx_nmr_sample_details.solution_id 
_pdbx_nmr_sample_details.solvent_system 
;0.6 mM DNA (5'-D(*GP*CP*CP*GP*CP*AP*GP*TP*GP*C)-3'), 100% D2O
;
1 '100% D2O'        
;2.0 mM DNA (5'-D(*GP*CP*CP*GP*CP*AP*GP*TP*GP*C)-3'), 90% H2O/10% D2O
;
2 '90% H2O/10% D2O' 
# 
loop_
_pdbx_nmr_exptl_sample.component 
_pdbx_nmr_exptl_sample.concentration 
_pdbx_nmr_exptl_sample.concentration_range 
_pdbx_nmr_exptl_sample.concentration_units 
_pdbx_nmr_exptl_sample.isotopic_labeling 
_pdbx_nmr_exptl_sample.solution_id 
;DNA (5'-D(*GP*CP*CP*GP*CP*AP*GP*TP*GP*C)-3')-1
;
0.6 ? mM ? 1 
;DNA (5'-D(*GP*CP*CP*GP*CP*AP*GP*TP*GP*C)-3')-2
;
2.0 ? mM ? 2 
# 
loop_
_pdbx_nmr_exptl_sample_conditions.conditions_id 
_pdbx_nmr_exptl_sample_conditions.ionic_strength 
_pdbx_nmr_exptl_sample_conditions.pH 
_pdbx_nmr_exptl_sample_conditions.pressure 
_pdbx_nmr_exptl_sample_conditions.pressure_units 
_pdbx_nmr_exptl_sample_conditions.temperature 
_pdbx_nmr_exptl_sample_conditions.temperature_units 
1 0.1 7.5 ambient ? 293 K 
2 0.1 7.5 ambient ? 278 K 
# 
loop_
_pdbx_nmr_exptl.conditions_id 
_pdbx_nmr_exptl.experiment_id 
_pdbx_nmr_exptl.solution_id 
_pdbx_nmr_exptl.type 
1 1 1 '2D DQF-COSY'    
1 2 1 '2D 1H-1H TOCSY' 
1 3 1 '2D 1H-1H NOESY' 
2 4 2 '2D 1H-1H NOESY' 
# 
_pdbx_nmr_constraints.disulfide_bond_constraints_total_count        ? 
_pdbx_nmr_constraints.entry_id                                      2LOA 
_pdbx_nmr_constraints.hydrogen_bond_constraints_total_count         ? 
_pdbx_nmr_constraints.NA_alpha-angle_constraints_total_count        4 
_pdbx_nmr_constraints.NA_beta-angle_constraints_total_count         4 
_pdbx_nmr_constraints.NA_chi-angle_constraints_total_count          8 
_pdbx_nmr_constraints.NA_delta-angle_constraints_total_count        6 
_pdbx_nmr_constraints.NA_epsilon-angle_constraints_total_count      4 
_pdbx_nmr_constraints.NA_gamma-angle_constraints_total_count        4 
_pdbx_nmr_constraints.NA_other-angle_constraints_total_count        0 
_pdbx_nmr_constraints.NA_sugar_pucker_constraints_total_count       0 
_pdbx_nmr_constraints.NOE_constraints_total                         118 
_pdbx_nmr_constraints.NOE_interentity_total_count                   ? 
_pdbx_nmr_constraints.NOE_interproton_distance_evaluation           ? 
_pdbx_nmr_constraints.NOE_intraresidue_total_count                  ? 
_pdbx_nmr_constraints.NOE_long_range_total_count                    64 
_pdbx_nmr_constraints.NOE_medium_range_total_count                  ? 
_pdbx_nmr_constraints.NOE_motional_averaging_correction             ? 
_pdbx_nmr_constraints.NOE_pseudoatom_corrections                    ? 
_pdbx_nmr_constraints.NOE_sequential_total_count                    ? 
_pdbx_nmr_constraints.protein_chi_angle_constraints_total_count     ? 
_pdbx_nmr_constraints.protein_other_angle_constraints_total_count   ? 
_pdbx_nmr_constraints.protein_phi_angle_constraints_total_count     ? 
_pdbx_nmr_constraints.protein_psi_angle_constraints_total_count     ? 
# 
_pdbx_nmr_refine.entry_id           2LOA 
_pdbx_nmr_refine.method             'DGSA-distance geometry simulated annealing, Docking with energy minimization' 
_pdbx_nmr_refine.details            
;One of the structures from PDB 2lo8 was selected and used for docking of of the Zn(cy4q), One conformer was selected from the the cyana calculation above and the Zn(cy4q) docked using energy minimization and distance restraints obtained from NMR data.
;
_pdbx_nmr_refine.software_ordinal   1 
# 
loop_
_pdbx_nmr_software.authors 
_pdbx_nmr_software.classification 
_pdbx_nmr_software.name 
_pdbx_nmr_software.version 
_pdbx_nmr_software.ordinal 
'Guntert, Mumenthaler and Wuthrich' 'geometry optimization'     CYANA     2.1  1 
Goddard                             'chemical shift assignment' Sparky    3.14 2 
Goddard                             'data analysis'             Sparky    3.14 3 
'HyperCube, Inc'                    refinement                  HyperChem 6    4 
'Guntert, Mumenthaler and Wuthrich' refinement                  CYANA     2.1  5 
# 
loop_
_chem_comp_atom.comp_id 
_chem_comp_atom.atom_id 
_chem_comp_atom.type_symbol 
_chem_comp_atom.pdbx_aromatic_flag 
_chem_comp_atom.pdbx_stereo_config 
_chem_comp_atom.pdbx_ordinal 
C4Q C2     C  Y N 1   
C4Q C3     C  Y N 2   
C4Q C4     C  Y N 3   
C4Q C5     C  Y N 4   
C4Q N5     N  Y N 5   
C4Q C6     C  Y N 6   
C4Q C7     C  Y N 7   
C4Q C8     C  Y N 8   
C4Q C9     C  Y N 9   
C4Q CM     C  N N 10  
C4Q "C1'"  C  N N 11  
C4Q "N1'"  N  N N 12  
C4Q C10    C  Y N 13  
C4Q "C2'"  C  N N 14  
C4Q "N2'"  N  N N 15  
C4Q "C3'"  C  N N 16  
C4Q "N3'"  N  N N 17  
C4Q "C4'"  C  N N 18  
C4Q "N4'"  N  N N 19  
C4Q "C5'"  C  N N 20  
C4Q "C6'"  C  N N 21  
C4Q "C7'"  C  N N 22  
C4Q "C8'"  C  N N 23  
C4Q H2     H  N N 24  
C4Q H3     H  N N 25  
C4Q H5     H  N N 26  
C4Q H6     H  N N 27  
C4Q H7     H  N N 28  
C4Q H8     H  N N 29  
C4Q "H1'"  H  N N 30  
C4Q "H1'A" H  N N 31  
C4Q "H2'"  H  N N 32  
C4Q "H2'A" H  N N 33  
C4Q "H3'"  H  N N 34  
C4Q "H4'"  H  N N 35  
C4Q "H5'"  H  N N 36  
C4Q "H5'A" H  N N 37  
C4Q "H6'"  H  N N 38  
C4Q "H6'A" H  N N 39  
C4Q "H7'"  H  N N 40  
C4Q "H7'A" H  N N 41  
C4Q "H8'"  H  N N 42  
C4Q "H8'A" H  N N 43  
C4Q "H3'A" H  N N 44  
C4Q "H4'A" H  N N 45  
C4Q HM     H  N N 46  
C4Q HMA    H  N N 47  
C4Q "HN2'" H  N N 48  
C4Q "HN3'" H  N N 49  
C4Q "HN4'" H  N N 50  
DA  OP3    O  N N 51  
DA  P      P  N N 52  
DA  OP1    O  N N 53  
DA  OP2    O  N N 54  
DA  "O5'"  O  N N 55  
DA  "C5'"  C  N N 56  
DA  "C4'"  C  N R 57  
DA  "O4'"  O  N N 58  
DA  "C3'"  C  N S 59  
DA  "O3'"  O  N N 60  
DA  "C2'"  C  N N 61  
DA  "C1'"  C  N R 62  
DA  N9     N  Y N 63  
DA  C8     C  Y N 64  
DA  N7     N  Y N 65  
DA  C5     C  Y N 66  
DA  C6     C  Y N 67  
DA  N6     N  N N 68  
DA  N1     N  Y N 69  
DA  C2     C  Y N 70  
DA  N3     N  Y N 71  
DA  C4     C  Y N 72  
DA  HOP3   H  N N 73  
DA  HOP2   H  N N 74  
DA  "H5'"  H  N N 75  
DA  "H5''" H  N N 76  
DA  "H4'"  H  N N 77  
DA  "H3'"  H  N N 78  
DA  "HO3'" H  N N 79  
DA  "H2'"  H  N N 80  
DA  "H2''" H  N N 81  
DA  "H1'"  H  N N 82  
DA  H8     H  N N 83  
DA  H61    H  N N 84  
DA  H62    H  N N 85  
DA  H2     H  N N 86  
DC  OP3    O  N N 87  
DC  P      P  N N 88  
DC  OP1    O  N N 89  
DC  OP2    O  N N 90  
DC  "O5'"  O  N N 91  
DC  "C5'"  C  N N 92  
DC  "C4'"  C  N R 93  
DC  "O4'"  O  N N 94  
DC  "C3'"  C  N S 95  
DC  "O3'"  O  N N 96  
DC  "C2'"  C  N N 97  
DC  "C1'"  C  N R 98  
DC  N1     N  N N 99  
DC  C2     C  N N 100 
DC  O2     O  N N 101 
DC  N3     N  N N 102 
DC  C4     C  N N 103 
DC  N4     N  N N 104 
DC  C5     C  N N 105 
DC  C6     C  N N 106 
DC  HOP3   H  N N 107 
DC  HOP2   H  N N 108 
DC  "H5'"  H  N N 109 
DC  "H5''" H  N N 110 
DC  "H4'"  H  N N 111 
DC  "H3'"  H  N N 112 
DC  "HO3'" H  N N 113 
DC  "H2'"  H  N N 114 
DC  "H2''" H  N N 115 
DC  "H1'"  H  N N 116 
DC  H41    H  N N 117 
DC  H42    H  N N 118 
DC  H5     H  N N 119 
DC  H6     H  N N 120 
DG  OP3    O  N N 121 
DG  P      P  N N 122 
DG  OP1    O  N N 123 
DG  OP2    O  N N 124 
DG  "O5'"  O  N N 125 
DG  "C5'"  C  N N 126 
DG  "C4'"  C  N R 127 
DG  "O4'"  O  N N 128 
DG  "C3'"  C  N S 129 
DG  "O3'"  O  N N 130 
DG  "C2'"  C  N N 131 
DG  "C1'"  C  N R 132 
DG  N9     N  Y N 133 
DG  C8     C  Y N 134 
DG  N7     N  Y N 135 
DG  C5     C  Y N 136 
DG  C6     C  N N 137 
DG  O6     O  N N 138 
DG  N1     N  N N 139 
DG  C2     C  N N 140 
DG  N2     N  N N 141 
DG  N3     N  N N 142 
DG  C4     C  Y N 143 
DG  HOP3   H  N N 144 
DG  HOP2   H  N N 145 
DG  "H5'"  H  N N 146 
DG  "H5''" H  N N 147 
DG  "H4'"  H  N N 148 
DG  "H3'"  H  N N 149 
DG  "HO3'" H  N N 150 
DG  "H2'"  H  N N 151 
DG  "H2''" H  N N 152 
DG  "H1'"  H  N N 153 
DG  H8     H  N N 154 
DG  H1     H  N N 155 
DG  H21    H  N N 156 
DG  H22    H  N N 157 
DT  OP3    O  N N 158 
DT  P      P  N N 159 
DT  OP1    O  N N 160 
DT  OP2    O  N N 161 
DT  "O5'"  O  N N 162 
DT  "C5'"  C  N N 163 
DT  "C4'"  C  N R 164 
DT  "O4'"  O  N N 165 
DT  "C3'"  C  N S 166 
DT  "O3'"  O  N N 167 
DT  "C2'"  C  N N 168 
DT  "C1'"  C  N R 169 
DT  N1     N  N N 170 
DT  C2     C  N N 171 
DT  O2     O  N N 172 
DT  N3     N  N N 173 
DT  C4     C  N N 174 
DT  O4     O  N N 175 
DT  C5     C  N N 176 
DT  C7     C  N N 177 
DT  C6     C  N N 178 
DT  HOP3   H  N N 179 
DT  HOP2   H  N N 180 
DT  "H5'"  H  N N 181 
DT  "H5''" H  N N 182 
DT  "H4'"  H  N N 183 
DT  "H3'"  H  N N 184 
DT  "HO3'" H  N N 185 
DT  "H2'"  H  N N 186 
DT  "H2''" H  N N 187 
DT  "H1'"  H  N N 188 
DT  H3     H  N N 189 
DT  H71    H  N N 190 
DT  H72    H  N N 191 
DT  H73    H  N N 192 
DT  H6     H  N N 193 
ZN  ZN     ZN N N 194 
# 
loop_
_chem_comp_bond.comp_id 
_chem_comp_bond.atom_id_1 
_chem_comp_bond.atom_id_2 
_chem_comp_bond.value_order 
_chem_comp_bond.pdbx_aromatic_flag 
_chem_comp_bond.pdbx_stereo_config 
_chem_comp_bond.pdbx_ordinal 
C4Q C2    C3     doub Y N 1   
C4Q C2    N5     sing Y N 2   
C4Q C2    H2     sing N N 3   
C4Q C3    C4     sing Y N 4   
C4Q C3    H3     sing N N 5   
C4Q C4    CM     sing N N 6   
C4Q C4    C10    doub Y N 7   
C4Q C5    C6     doub Y N 8   
C4Q C5    C10    sing Y N 9   
C4Q C5    H5     sing N N 10  
C4Q N5    C9     doub Y N 11  
C4Q C6    C7     sing Y N 12  
C4Q C6    H6     sing N N 13  
C4Q C7    C8     doub Y N 14  
C4Q C7    H7     sing N N 15  
C4Q C8    C9     sing Y N 16  
C4Q C8    H8     sing N N 17  
C4Q C9    C10    sing Y N 18  
C4Q CM    "N1'"  sing N N 19  
C4Q CM    HM     sing N N 20  
C4Q CM    HMA    sing N N 21  
C4Q "C1'" "N1'"  sing N N 22  
C4Q "C1'" "C2'"  sing N N 23  
C4Q "C1'" "H1'"  sing N N 24  
C4Q "C1'" "H1'A" sing N N 25  
C4Q "N1'" "C8'"  sing N N 26  
C4Q "C2'" "N2'"  sing N N 27  
C4Q "C2'" "H2'"  sing N N 28  
C4Q "C2'" "H2'A" sing N N 29  
C4Q "N2'" "C3'"  sing N N 30  
C4Q "N2'" "HN2'" sing N N 31  
C4Q "C3'" "C4'"  sing N N 32  
C4Q "C3'" "H3'"  sing N N 33  
C4Q "C3'" "H3'A" sing N N 34  
C4Q "N3'" "C4'"  sing N N 35  
C4Q "N3'" "C5'"  sing N N 36  
C4Q "N3'" "HN3'" sing N N 37  
C4Q "C4'" "H4'"  sing N N 38  
C4Q "C4'" "H4'A" sing N N 39  
C4Q "N4'" "C6'"  sing N N 40  
C4Q "N4'" "C7'"  sing N N 41  
C4Q "N4'" "HN4'" sing N N 42  
C4Q "C5'" "C6'"  sing N N 43  
C4Q "C5'" "H5'"  sing N N 44  
C4Q "C5'" "H5'A" sing N N 45  
C4Q "C6'" "H6'"  sing N N 46  
C4Q "C6'" "H6'A" sing N N 47  
C4Q "C7'" "C8'"  sing N N 48  
C4Q "C7'" "H7'"  sing N N 49  
C4Q "C7'" "H7'A" sing N N 50  
C4Q "C8'" "H8'"  sing N N 51  
C4Q "C8'" "H8'A" sing N N 52  
DA  OP3   P      sing N N 53  
DA  OP3   HOP3   sing N N 54  
DA  P     OP1    doub N N 55  
DA  P     OP2    sing N N 56  
DA  P     "O5'"  sing N N 57  
DA  OP2   HOP2   sing N N 58  
DA  "O5'" "C5'"  sing N N 59  
DA  "C5'" "C4'"  sing N N 60  
DA  "C5'" "H5'"  sing N N 61  
DA  "C5'" "H5''" sing N N 62  
DA  "C4'" "O4'"  sing N N 63  
DA  "C4'" "C3'"  sing N N 64  
DA  "C4'" "H4'"  sing N N 65  
DA  "O4'" "C1'"  sing N N 66  
DA  "C3'" "O3'"  sing N N 67  
DA  "C3'" "C2'"  sing N N 68  
DA  "C3'" "H3'"  sing N N 69  
DA  "O3'" "HO3'" sing N N 70  
DA  "C2'" "C1'"  sing N N 71  
DA  "C2'" "H2'"  sing N N 72  
DA  "C2'" "H2''" sing N N 73  
DA  "C1'" N9     sing N N 74  
DA  "C1'" "H1'"  sing N N 75  
DA  N9    C8     sing Y N 76  
DA  N9    C4     sing Y N 77  
DA  C8    N7     doub Y N 78  
DA  C8    H8     sing N N 79  
DA  N7    C5     sing Y N 80  
DA  C5    C6     sing Y N 81  
DA  C5    C4     doub Y N 82  
DA  C6    N6     sing N N 83  
DA  C6    N1     doub Y N 84  
DA  N6    H61    sing N N 85  
DA  N6    H62    sing N N 86  
DA  N1    C2     sing Y N 87  
DA  C2    N3     doub Y N 88  
DA  C2    H2     sing N N 89  
DA  N3    C4     sing Y N 90  
DC  OP3   P      sing N N 91  
DC  OP3   HOP3   sing N N 92  
DC  P     OP1    doub N N 93  
DC  P     OP2    sing N N 94  
DC  P     "O5'"  sing N N 95  
DC  OP2   HOP2   sing N N 96  
DC  "O5'" "C5'"  sing N N 97  
DC  "C5'" "C4'"  sing N N 98  
DC  "C5'" "H5'"  sing N N 99  
DC  "C5'" "H5''" sing N N 100 
DC  "C4'" "O4'"  sing N N 101 
DC  "C4'" "C3'"  sing N N 102 
DC  "C4'" "H4'"  sing N N 103 
DC  "O4'" "C1'"  sing N N 104 
DC  "C3'" "O3'"  sing N N 105 
DC  "C3'" "C2'"  sing N N 106 
DC  "C3'" "H3'"  sing N N 107 
DC  "O3'" "HO3'" sing N N 108 
DC  "C2'" "C1'"  sing N N 109 
DC  "C2'" "H2'"  sing N N 110 
DC  "C2'" "H2''" sing N N 111 
DC  "C1'" N1     sing N N 112 
DC  "C1'" "H1'"  sing N N 113 
DC  N1    C2     sing N N 114 
DC  N1    C6     sing N N 115 
DC  C2    O2     doub N N 116 
DC  C2    N3     sing N N 117 
DC  N3    C4     doub N N 118 
DC  C4    N4     sing N N 119 
DC  C4    C5     sing N N 120 
DC  N4    H41    sing N N 121 
DC  N4    H42    sing N N 122 
DC  C5    C6     doub N N 123 
DC  C5    H5     sing N N 124 
DC  C6    H6     sing N N 125 
DG  OP3   P      sing N N 126 
DG  OP3   HOP3   sing N N 127 
DG  P     OP1    doub N N 128 
DG  P     OP2    sing N N 129 
DG  P     "O5'"  sing N N 130 
DG  OP2   HOP2   sing N N 131 
DG  "O5'" "C5'"  sing N N 132 
DG  "C5'" "C4'"  sing N N 133 
DG  "C5'" "H5'"  sing N N 134 
DG  "C5'" "H5''" sing N N 135 
DG  "C4'" "O4'"  sing N N 136 
DG  "C4'" "C3'"  sing N N 137 
DG  "C4'" "H4'"  sing N N 138 
DG  "O4'" "C1'"  sing N N 139 
DG  "C3'" "O3'"  sing N N 140 
DG  "C3'" "C2'"  sing N N 141 
DG  "C3'" "H3'"  sing N N 142 
DG  "O3'" "HO3'" sing N N 143 
DG  "C2'" "C1'"  sing N N 144 
DG  "C2'" "H2'"  sing N N 145 
DG  "C2'" "H2''" sing N N 146 
DG  "C1'" N9     sing N N 147 
DG  "C1'" "H1'"  sing N N 148 
DG  N9    C8     sing Y N 149 
DG  N9    C4     sing Y N 150 
DG  C8    N7     doub Y N 151 
DG  C8    H8     sing N N 152 
DG  N7    C5     sing Y N 153 
DG  C5    C6     sing N N 154 
DG  C5    C4     doub Y N 155 
DG  C6    O6     doub N N 156 
DG  C6    N1     sing N N 157 
DG  N1    C2     sing N N 158 
DG  N1    H1     sing N N 159 
DG  C2    N2     sing N N 160 
DG  C2    N3     doub N N 161 
DG  N2    H21    sing N N 162 
DG  N2    H22    sing N N 163 
DG  N3    C4     sing N N 164 
DT  OP3   P      sing N N 165 
DT  OP3   HOP3   sing N N 166 
DT  P     OP1    doub N N 167 
DT  P     OP2    sing N N 168 
DT  P     "O5'"  sing N N 169 
DT  OP2   HOP2   sing N N 170 
DT  "O5'" "C5'"  sing N N 171 
DT  "C5'" "C4'"  sing N N 172 
DT  "C5'" "H5'"  sing N N 173 
DT  "C5'" "H5''" sing N N 174 
DT  "C4'" "O4'"  sing N N 175 
DT  "C4'" "C3'"  sing N N 176 
DT  "C4'" "H4'"  sing N N 177 
DT  "O4'" "C1'"  sing N N 178 
DT  "C3'" "O3'"  sing N N 179 
DT  "C3'" "C2'"  sing N N 180 
DT  "C3'" "H3'"  sing N N 181 
DT  "O3'" "HO3'" sing N N 182 
DT  "C2'" "C1'"  sing N N 183 
DT  "C2'" "H2'"  sing N N 184 
DT  "C2'" "H2''" sing N N 185 
DT  "C1'" N1     sing N N 186 
DT  "C1'" "H1'"  sing N N 187 
DT  N1    C2     sing N N 188 
DT  N1    C6     sing N N 189 
DT  C2    O2     doub N N 190 
DT  C2    N3     sing N N 191 
DT  N3    C4     sing N N 192 
DT  N3    H3     sing N N 193 
DT  C4    O4     doub N N 194 
DT  C4    C5     sing N N 195 
DT  C5    C7     sing N N 196 
DT  C5    C6     doub N N 197 
DT  C7    H71    sing N N 198 
DT  C7    H72    sing N N 199 
DT  C7    H73    sing N N 200 
DT  C6    H6     sing N N 201 
# 
loop_
_ndb_struct_conf_na.entry_id 
_ndb_struct_conf_na.feature 
2LOA 'b-form double helix' 
2LOA 'hairpin loop'        
2LOA 'bulge loop'          
# 
loop_
_ndb_struct_na_base_pair.model_number 
_ndb_struct_na_base_pair.i_label_asym_id 
_ndb_struct_na_base_pair.i_label_comp_id 
_ndb_struct_na_base_pair.i_label_seq_id 
_ndb_struct_na_base_pair.i_symmetry 
_ndb_struct_na_base_pair.j_label_asym_id 
_ndb_struct_na_base_pair.j_label_comp_id 
_ndb_struct_na_base_pair.j_label_seq_id 
_ndb_struct_na_base_pair.j_symmetry 
_ndb_struct_na_base_pair.shear 
_ndb_struct_na_base_pair.stretch 
_ndb_struct_na_base_pair.stagger 
_ndb_struct_na_base_pair.buckle 
_ndb_struct_na_base_pair.propeller 
_ndb_struct_na_base_pair.opening 
_ndb_struct_na_base_pair.pair_number 
_ndb_struct_na_base_pair.pair_name 
_ndb_struct_na_base_pair.i_auth_asym_id 
_ndb_struct_na_base_pair.i_auth_seq_id 
_ndb_struct_na_base_pair.i_PDB_ins_code 
_ndb_struct_na_base_pair.j_auth_asym_id 
_ndb_struct_na_base_pair.j_auth_seq_id 
_ndb_struct_na_base_pair.j_PDB_ins_code 
_ndb_struct_na_base_pair.hbond_type_28 
_ndb_struct_na_base_pair.hbond_type_12 
1 A DG 1 1_555 A DC 10 1_555 -0.668 -0.248 0.120  -9.153 3.262   -1.043 1 A_DG2:DC11_A A 2 ? A 11 ? 19 1 
1 A DC 2 1_555 A DG 9  1_555 0.341  -0.494 -1.345 12.565 4.885   -9.782 2 A_DC3:DG10_A A 3 ? A 10 ? 19 1 
1 A DC 3 1_555 A DG 7  1_555 -0.301 -0.037 -0.531 20.181 7.230   -2.950 3 A_DC4:DG8_A  A 4 ? A 8  ? 19 1 
1 A DG 4 1_555 A DA 6  1_555 6.175  -4.327 1.867  16.520 -27.091 7.512  4 A_DG5:DA7_A  A 5 ? A 7  ? 11 9 
# 
loop_
_ndb_struct_na_base_pair_step.model_number 
_ndb_struct_na_base_pair_step.i_label_asym_id_1 
_ndb_struct_na_base_pair_step.i_label_comp_id_1 
_ndb_struct_na_base_pair_step.i_label_seq_id_1 
_ndb_struct_na_base_pair_step.i_symmetry_1 
_ndb_struct_na_base_pair_step.j_label_asym_id_1 
_ndb_struct_na_base_pair_step.j_label_comp_id_1 
_ndb_struct_na_base_pair_step.j_label_seq_id_1 
_ndb_struct_na_base_pair_step.j_symmetry_1 
_ndb_struct_na_base_pair_step.i_label_asym_id_2 
_ndb_struct_na_base_pair_step.i_label_comp_id_2 
_ndb_struct_na_base_pair_step.i_label_seq_id_2 
_ndb_struct_na_base_pair_step.i_symmetry_2 
_ndb_struct_na_base_pair_step.j_label_asym_id_2 
_ndb_struct_na_base_pair_step.j_label_comp_id_2 
_ndb_struct_na_base_pair_step.j_label_seq_id_2 
_ndb_struct_na_base_pair_step.j_symmetry_2 
_ndb_struct_na_base_pair_step.shift 
_ndb_struct_na_base_pair_step.slide 
_ndb_struct_na_base_pair_step.rise 
_ndb_struct_na_base_pair_step.tilt 
_ndb_struct_na_base_pair_step.roll 
_ndb_struct_na_base_pair_step.twist 
_ndb_struct_na_base_pair_step.x_displacement 
_ndb_struct_na_base_pair_step.y_displacement 
_ndb_struct_na_base_pair_step.helical_rise 
_ndb_struct_na_base_pair_step.inclination 
_ndb_struct_na_base_pair_step.tip 
_ndb_struct_na_base_pair_step.helical_twist 
_ndb_struct_na_base_pair_step.step_number 
_ndb_struct_na_base_pair_step.step_name 
_ndb_struct_na_base_pair_step.i_auth_asym_id_1 
_ndb_struct_na_base_pair_step.i_auth_seq_id_1 
_ndb_struct_na_base_pair_step.i_PDB_ins_code_1 
_ndb_struct_na_base_pair_step.j_auth_asym_id_1 
_ndb_struct_na_base_pair_step.j_auth_seq_id_1 
_ndb_struct_na_base_pair_step.j_PDB_ins_code_1 
_ndb_struct_na_base_pair_step.i_auth_asym_id_2 
_ndb_struct_na_base_pair_step.i_auth_seq_id_2 
_ndb_struct_na_base_pair_step.i_PDB_ins_code_2 
_ndb_struct_na_base_pair_step.j_auth_asym_id_2 
_ndb_struct_na_base_pair_step.j_auth_seq_id_2 
_ndb_struct_na_base_pair_step.j_PDB_ins_code_2 
1 A DG 1 1_555 A DC 10 1_555 A DC 2 1_555 A DG 9 1_555 -0.523 0.743 3.360 4.109  -11.485 39.679 2.265  1.174  2.976 -16.454 -5.888 
41.439 1 AA_DG2DC3:DG10DC11_AA A 2 ? A 11 ? A 3 ? A 10 ? 
1 A DC 2 1_555 A DG 9  1_555 A DC 3 1_555 A DG 7 1_555 1.223  1.593 4.216 -8.317 32.068  21.713 -3.440 -3.317 3.378 55.809  14.474 
39.443 2 AA_DC3DC4:DG8DG10_AA  A 3 ? A 10 ? A 4 ? A 8  ? 
1 A DC 3 1_555 A DG 7  1_555 A DG 4 1_555 A DA 6 1_555 -0.443 2.133 3.416 2.760  19.612  34.508 0.354  1.047  3.981 30.183  -4.247 
39.637 3 AA_DC4DG5:DA7DG8_AA   A 4 ? A 8  ? A 5 ? A 7  ? 
# 
_pdbx_nmr_spectrometer.field_strength    500 
_pdbx_nmr_spectrometer.manufacturer      Varian 
_pdbx_nmr_spectrometer.model             INOVA 
_pdbx_nmr_spectrometer.spectrometer_id   1 
_pdbx_nmr_spectrometer.type              'Varian INOVA' 
# 
_atom_sites.entry_id                    2LOA 
_atom_sites.fract_transf_matrix[1][1]   1.000000 
_atom_sites.fract_transf_matrix[1][2]   0.000000 
_atom_sites.fract_transf_matrix[1][3]   0.000000 
_atom_sites.fract_transf_matrix[2][1]   0.000000 
_atom_sites.fract_transf_matrix[2][2]   1.000000 
_atom_sites.fract_transf_matrix[2][3]   0.000000 
_atom_sites.fract_transf_matrix[3][1]   0.000000 
_atom_sites.fract_transf_matrix[3][2]   0.000000 
_atom_sites.fract_transf_matrix[3][3]   1.000000 
_atom_sites.fract_transf_vector[1]      0.00000 
_atom_sites.fract_transf_vector[2]      0.00000 
_atom_sites.fract_transf_vector[3]      0.00000 
# 
loop_
_atom_type.symbol 
C  
H  
N  
O  
P  
ZN 
# 
loop_
_atom_site.group_PDB 
_atom_site.id 
_atom_site.type_symbol 
_atom_site.label_atom_id 
_atom_site.label_alt_id 
_atom_site.label_comp_id 
_atom_site.label_asym_id 
_atom_site.label_entity_id 
_atom_site.label_seq_id 
_atom_site.pdbx_PDB_ins_code 
_atom_site.Cartn_x 
_atom_site.Cartn_y 
_atom_site.Cartn_z 
_atom_site.occupancy 
_atom_site.B_iso_or_equiv 
_atom_site.pdbx_formal_charge 
_atom_site.auth_seq_id 
_atom_site.auth_comp_id 
_atom_site.auth_asym_id 
_atom_site.auth_atom_id 
_atom_site.pdbx_PDB_model_num 
ATOM   1   O  "O5'"  . DG  A 1 1  ? 3.212   -10.489 2.481   1.00 0.00 ? 2   DG  A "O5'"  1 
ATOM   2   C  "C5'"  . DG  A 1 1  ? 3.887   -11.269 1.496   1.00 0.00 ? 2   DG  A "C5'"  1 
ATOM   3   C  "C4'"  . DG  A 1 1  ? 4.140   -10.437 0.259   1.00 0.00 ? 2   DG  A "C4'"  1 
ATOM   4   O  "O4'"  . DG  A 1 1  ? 2.916   -10.043 -0.311  1.00 0.00 ? 2   DG  A "O4'"  1 
ATOM   5   C  "C3'"  . DG  A 1 1  ? 4.811   -9.094  0.530   1.00 0.00 ? 2   DG  A "C3'"  1 
ATOM   6   O  "O3'"  . DG  A 1 1  ? 5.699   -8.782  -0.542  1.00 0.00 ? 2   DG  A "O3'"  1 
ATOM   7   C  "C2'"  . DG  A 1 1  ? 3.688   -8.100  0.622   1.00 0.00 ? 2   DG  A "C2'"  1 
ATOM   8   C  "C1'"  . DG  A 1 1  ? 2.733   -8.651  -0.433  1.00 0.00 ? 2   DG  A "C1'"  1 
ATOM   9   N  N9     . DG  A 1 1  ? 1.322   -8.275  -0.205  1.00 0.00 ? 2   DG  A N9     1 
ATOM   10  C  C8     . DG  A 1 1  ? 0.622   -8.379  0.943   1.00 0.00 ? 2   DG  A C8     1 
ATOM   11  N  N7     . DG  A 1 1  ? -0.632  -7.953  0.819   1.00 0.00 ? 2   DG  A N7     1 
ATOM   12  C  C5     . DG  A 1 1  ? -0.718  -7.560  -0.489  1.00 0.00 ? 2   DG  A C5     1 
ATOM   13  C  C6     . DG  A 1 1  ? -1.786  -7.018  -1.234  1.00 0.00 ? 2   DG  A C6     1 
ATOM   14  O  O6     . DG  A 1 1  ? -2.914  -6.789  -0.799  1.00 0.00 ? 2   DG  A O6     1 
ATOM   15  N  N1     . DG  A 1 1  ? -1.552  -6.724  -2.543  1.00 0.00 ? 2   DG  A N1     1 
ATOM   16  C  C2     . DG  A 1 1  ? -0.322  -6.966  -3.048  1.00 0.00 ? 2   DG  A C2     1 
ATOM   17  N  N2     . DG  A 1 1  ? -0.252  -6.627  -4.333  1.00 0.00 ? 2   DG  A N2     1 
ATOM   18  N  N3     . DG  A 1 1  ? 0.762   -7.476  -2.434  1.00 0.00 ? 2   DG  A N3     1 
ATOM   19  C  C4     . DG  A 1 1  ? 0.464   -7.747  -1.134  1.00 0.00 ? 2   DG  A C4     1 
ATOM   20  H  "H5'"  . DG  A 1 1  ? 3.292   -12.138 1.211   1.00 0.00 ? 2   DG  A "H5'"  1 
ATOM   21  H  "H5''" . DG  A 1 1  ? 4.845   -11.628 1.872   1.00 0.00 ? 2   DG  A "H5''" 1 
ATOM   22  H  "H4'"  . DG  A 1 1  ? 4.792   -10.994 -0.415  1.00 0.00 ? 2   DG  A "H4'"  1 
ATOM   23  H  "H3'"  . DG  A 1 1  ? 5.412   -9.133  1.440   1.00 0.00 ? 2   DG  A "H3'"  1 
ATOM   24  H  "H2'"  . DG  A 1 1  ? 3.271   -8.133  1.627   1.00 0.00 ? 2   DG  A "H2'"  1 
ATOM   25  H  "H2''" . DG  A 1 1  ? 4.079   -7.107  0.411   1.00 0.00 ? 2   DG  A "H2''" 1 
ATOM   26  H  "H1'"  . DG  A 1 1  ? 3.047   -8.308  -1.419  1.00 0.00 ? 2   DG  A "H1'"  1 
ATOM   27  H  H8     . DG  A 1 1  ? 1.073   -8.772  1.842   1.00 0.00 ? 2   DG  A H8     1 
ATOM   28  H  H1     . DG  A 1 1  ? -2.273  -6.334  -3.132  1.00 0.00 ? 2   DG  A H1     1 
ATOM   29  H  H21    . DG  A 1 1  ? -1.062  -6.244  -4.799  1.00 0.00 ? 2   DG  A H21    1 
ATOM   30  H  H22    . DG  A 1 1  ? 0.611   -6.753  -4.842  1.00 0.00 ? 2   DG  A H22    1 
ATOM   31  H  "HO5'" . DG  A 1 1  ? 3.804   -9.661  2.739   1.00 0.00 ? 2   DG  A "HO5'" 1 
ATOM   32  P  P      . DC  A 1 2  ? 6.970   -7.846  -0.283  1.00 0.00 ? 3   DC  A P      1 
ATOM   33  O  OP1    . DC  A 1 2  ? 8.208   -8.654  -0.355  1.00 0.00 ? 3   DC  A OP1    1 
ATOM   34  O  OP2    . DC  A 1 2  ? 6.753   -7.038  0.938   1.00 0.00 ? 3   DC  A OP2    1 
ATOM   35  O  "O5'"  . DC  A 1 2  ? 6.951   -6.857  -1.540  1.00 0.00 ? 3   DC  A "O5'"  1 
ATOM   36  C  "C5'"  . DC  A 1 2  ? 7.043   -7.384  -2.862  1.00 0.00 ? 3   DC  A "C5'"  1 
ATOM   37  C  "C4'"  . DC  A 1 2  ? 6.235   -6.533  -3.817  1.00 0.00 ? 3   DC  A "C4'"  1 
ATOM   38  O  "O4'"  . DC  A 1 2  ? 4.896   -6.436  -3.381  1.00 0.00 ? 3   DC  A "O4'"  1 
ATOM   39  C  "C3'"  . DC  A 1 2  ? 6.687   -5.079  -3.902  1.00 0.00 ? 3   DC  A "C3'"  1 
ATOM   40  O  "O3'"  . DC  A 1 2  ? 6.695   -4.665  -5.267  1.00 0.00 ? 3   DC  A "O3'"  1 
ATOM   41  C  "C2'"  . DC  A 1 2  ? 5.682   -4.303  -3.096  1.00 0.00 ? 3   DC  A "C2'"  1 
ATOM   42  C  "C1'"  . DC  A 1 2  ? 4.416   -5.110  -3.368  1.00 0.00 ? 3   DC  A "C1'"  1 
ATOM   43  N  N1     . DC  A 1 2  ? 3.370   -4.932  -2.338  1.00 0.00 ? 3   DC  A N1     1 
ATOM   44  C  C2     . DC  A 1 2  ? 2.066   -4.701  -2.772  1.00 0.00 ? 3   DC  A C2     1 
ATOM   45  O  O2     . DC  A 1 2  ? 1.847   -4.656  -3.988  1.00 0.00 ? 3   DC  A O2     1 
ATOM   46  N  N3     . DC  A 1 2  ? 1.097   -4.534  -1.854  1.00 0.00 ? 3   DC  A N3     1 
ATOM   47  C  C4     . DC  A 1 2  ? 1.350   -4.585  -0.562  1.00 0.00 ? 3   DC  A C4     1 
ATOM   48  N  N4     . DC  A 1 2  ? 0.381   -4.418  0.329   1.00 0.00 ? 3   DC  A N4     1 
ATOM   49  C  C5     . DC  A 1 2  ? 2.693   -4.822  -0.086  1.00 0.00 ? 3   DC  A C5     1 
ATOM   50  C  C6     . DC  A 1 2  ? 3.648   -4.986  -1.012  1.00 0.00 ? 3   DC  A C6     1 
ATOM   51  H  "H5'"  . DC  A 1 2  ? 6.661   -8.405  -2.904  1.00 0.00 ? 3   DC  A "H5'"  1 
ATOM   52  H  "H5''" . DC  A 1 2  ? 8.078   -7.399  -3.207  1.00 0.00 ? 3   DC  A "H5''" 1 
ATOM   53  H  "H4'"  . DC  A 1 2  ? 6.312   -6.954  -4.820  1.00 0.00 ? 3   DC  A "H4'"  1 
ATOM   54  H  "H3'"  . DC  A 1 2  ? 7.704   -4.962  -3.526  1.00 0.00 ? 3   DC  A "H3'"  1 
ATOM   55  H  "H2'"  . DC  A 1 2  ? 5.980   -4.323  -2.050  1.00 0.00 ? 3   DC  A "H2'"  1 
ATOM   56  H  "H2''" . DC  A 1 2  ? 5.657   -3.278  -3.460  1.00 0.00 ? 3   DC  A "H2''" 1 
ATOM   57  H  "H1'"  . DC  A 1 2  ? 4.015   -4.838  -4.344  1.00 0.00 ? 3   DC  A "H1'"  1 
ATOM   58  H  H41    . DC  A 1 2  ? -0.566  -4.250  0.019   1.00 0.00 ? 3   DC  A H41    1 
ATOM   59  H  H42    . DC  A 1 2  ? 0.589   -4.459  1.317   1.00 0.00 ? 3   DC  A H42    1 
ATOM   60  H  H5     . DC  A 1 2  ? 2.891   -4.862  0.976   1.00 0.00 ? 3   DC  A H5     1 
ATOM   61  H  H6     . DC  A 1 2  ? 4.669   -5.167  -0.711  1.00 0.00 ? 3   DC  A H6     1 
ATOM   62  P  P      . DC  A 1 3  ? 8.085   -4.465  -6.033  1.00 0.00 ? 4   DC  A P      1 
ATOM   63  O  OP1    . DC  A 1 3  ? 7.886   -4.659  -7.487  1.00 0.00 ? 4   DC  A OP1    1 
ATOM   64  O  OP2    . DC  A 1 3  ? 9.138   -5.270  -5.375  1.00 0.00 ? 4   DC  A OP2    1 
ATOM   65  O  "O5'"  . DC  A 1 3  ? 8.416   -2.919  -5.782  1.00 0.00 ? 4   DC  A "O5'"  1 
ATOM   66  C  "C5'"  . DC  A 1 3  ? 7.526   -1.913  -6.259  1.00 0.00 ? 4   DC  A "C5'"  1 
ATOM   67  C  "C4'"  . DC  A 1 3  ? 7.678   -0.653  -5.437  1.00 0.00 ? 4   DC  A "C4'"  1 
ATOM   68  O  "O4'"  . DC  A 1 3  ? 6.698   -0.620  -4.416  1.00 0.00 ? 4   DC  A "O4'"  1 
ATOM   69  C  "C3'"  . DC  A 1 3  ? 8.997   -0.551  -4.676  1.00 0.00 ? 4   DC  A "C3'"  1 
ATOM   70  O  "O3'"  . DC  A 1 3  ? 9.525   0.765   -4.813  1.00 0.00 ? 4   DC  A "O3'"  1 
ATOM   71  C  "C2'"  . DC  A 1 3  ? 8.653   -0.862  -3.245  1.00 0.00 ? 4   DC  A "C2'"  1 
ATOM   72  C  "C1'"  . DC  A 1 3  ? 7.244   -0.283  -3.160  1.00 0.00 ? 4   DC  A "C1'"  1 
ATOM   73  N  N1     . DC  A 1 3  ? 6.439   -0.852  -2.058  1.00 0.00 ? 4   DC  A N1     1 
ATOM   74  C  C2     . DC  A 1 3  ? 5.100   -0.474  -1.971  1.00 0.00 ? 4   DC  A C2     1 
ATOM   75  O  O2     . DC  A 1 3  ? 4.653   0.314   -2.812  1.00 0.00 ? 4   DC  A O2     1 
ATOM   76  N  N3     . DC  A 1 3  ? 4.348   -0.977  -0.977  1.00 0.00 ? 4   DC  A N3     1 
ATOM   77  C  C4     . DC  A 1 3  ? 4.842   -1.816  -0.089  1.00 0.00 ? 4   DC  A C4     1 
ATOM   78  N  N4     . DC  A 1 3  ? 4.083   -2.302  0.885   1.00 0.00 ? 4   DC  A N4     1 
ATOM   79  C  C5     . DC  A 1 3  ? 6.226   -2.225  -0.156  1.00 0.00 ? 4   DC  A C5     1 
ATOM   80  C  C6     . DC  A 1 3  ? 6.964   -1.713  -1.152  1.00 0.00 ? 4   DC  A C6     1 
ATOM   81  H  "H5'"  . DC  A 1 3  ? 6.489   -2.245  -6.192  1.00 0.00 ? 4   DC  A "H5'"  1 
ATOM   82  H  "H5''" . DC  A 1 3  ? 7.733   -1.671  -7.302  1.00 0.00 ? 4   DC  A "H5''" 1 
ATOM   83  H  "H4'"  . DC  A 1 3  ? 7.622   0.213   -6.099  1.00 0.00 ? 4   DC  A "H4'"  1 
ATOM   84  H  "H3'"  . DC  A 1 3  ? 9.739   -1.238  -5.086  1.00 0.00 ? 4   DC  A "H3'"  1 
ATOM   85  H  "H2'"  . DC  A 1 3  ? 8.676   -1.941  -3.105  1.00 0.00 ? 4   DC  A "H2'"  1 
ATOM   86  H  "H2''" . DC  A 1 3  ? 9.384   -0.383  -2.597  1.00 0.00 ? 4   DC  A "H2''" 1 
ATOM   87  H  "H1'"  . DC  A 1 3  ? 7.304   0.799   -3.046  1.00 0.00 ? 4   DC  A "H1'"  1 
ATOM   88  H  H41    . DC  A 1 3  ? 3.112   -2.031  0.952   1.00 0.00 ? 4   DC  A H41    1 
ATOM   89  H  H42    . DC  A 1 3  ? 4.476   -2.945  1.559   1.00 0.00 ? 4   DC  A H42    1 
ATOM   90  H  H5     . DC  A 1 3  ? 6.623   -2.912  0.577   1.00 0.00 ? 4   DC  A H5     1 
ATOM   91  H  H6     . DC  A 1 3  ? 8.004   -1.986  -1.248  1.00 0.00 ? 4   DC  A H6     1 
ATOM   92  P  P      . DG  A 1 4  ? 11.108  0.996   -4.819  1.00 0.00 ? 5   DG  A P      1 
ATOM   93  O  OP1    . DG  A 1 4  ? 11.569  1.258   -6.201  1.00 0.00 ? 5   DG  A OP1    1 
ATOM   94  O  OP2    . DG  A 1 4  ? 11.773  -0.094  -4.072  1.00 0.00 ? 5   DG  A OP2    1 
ATOM   95  O  "O5'"  . DG  A 1 4  ? 11.277  2.347   -3.977  1.00 0.00 ? 5   DG  A "O5'"  1 
ATOM   96  C  "C5'"  . DG  A 1 4  ? 11.023  2.348   -2.573  1.00 0.00 ? 5   DG  A "C5'"  1 
ATOM   97  C  "C4'"  . DG  A 1 4  ? 9.648   2.913   -2.296  1.00 0.00 ? 5   DG  A "C4'"  1 
ATOM   98  O  "O4'"  . DG  A 1 4  ? 8.892   1.992   -1.559  1.00 0.00 ? 5   DG  A "O4'"  1 
ATOM   99  C  "C3'"  . DG  A 1 4  ? 9.642   4.137   -1.383  1.00 0.00 ? 5   DG  A "C3'"  1 
ATOM   100 O  "O3'"  . DG  A 1 4  ? 8.615   5.034   -1.801  1.00 0.00 ? 5   DG  A "O3'"  1 
ATOM   101 C  "C2'"  . DG  A 1 4  ? 9.379   3.601   -0.003  1.00 0.00 ? 5   DG  A "C2'"  1 
ATOM   102 C  "C1'"  . DG  A 1 4  ? 8.414   2.462   -0.319  1.00 0.00 ? 5   DG  A "C1'"  1 
ATOM   103 N  N9     . DG  A 1 4  ? 8.418   1.388   0.696   1.00 0.00 ? 5   DG  A N9     1 
ATOM   104 C  C8     . DG  A 1 4  ? 9.461   0.620   1.074   1.00 0.00 ? 5   DG  A C8     1 
ATOM   105 N  N7     . DG  A 1 4  ? 9.136   -0.259  2.016   1.00 0.00 ? 5   DG  A N7     1 
ATOM   106 C  C5     . DG  A 1 4  ? 7.806   -0.026  2.239   1.00 0.00 ? 5   DG  A C5     1 
ATOM   107 C  C6     . DG  A 1 4  ? 6.885   -0.632  3.120   1.00 0.00 ? 5   DG  A C6     1 
ATOM   108 O  O6     . DG  A 1 4  ? 7.143   -1.547  3.901   1.00 0.00 ? 5   DG  A O6     1 
ATOM   109 N  N1     . DG  A 1 4  ? 5.606   -0.167  3.107   1.00 0.00 ? 5   DG  A N1     1 
ATOM   110 C  C2     . DG  A 1 4  ? 5.295   0.840   2.259   1.00 0.00 ? 5   DG  A C2     1 
ATOM   111 N  N2     . DG  A 1 4  ? 4.013   1.181   2.365   1.00 0.00 ? 5   DG  A N2     1 
ATOM   112 N  N3     . DG  A 1 4  ? 6.085   1.487   1.382   1.00 0.00 ? 5   DG  A N3     1 
ATOM   113 C  C4     . DG  A 1 4  ? 7.346   0.976   1.445   1.00 0.00 ? 5   DG  A C4     1 
ATOM   114 H  "H5'"  . DG  A 1 4  ? 11.758  2.956   -2.044  1.00 0.00 ? 5   DG  A "H5'"  1 
ATOM   115 H  "H5''" . DG  A 1 4  ? 11.069  1.337   -2.166  1.00 0.00 ? 5   DG  A "H5''" 1 
ATOM   116 H  "H4'"  . DG  A 1 4  ? 9.189   3.212   -3.239  1.00 0.00 ? 5   DG  A "H4'"  1 
ATOM   117 H  "H3'"  . DG  A 1 4  ? 10.586  4.679   -1.450  1.00 0.00 ? 5   DG  A "H3'"  1 
ATOM   118 H  "H2'"  . DG  A 1 4  ? 10.318  3.253   0.423   1.00 0.00 ? 5   DG  A "H2'"  1 
ATOM   119 H  "H2''" . DG  A 1 4  ? 8.962   4.398   0.608   1.00 0.00 ? 5   DG  A "H2''" 1 
ATOM   120 H  "H1'"  . DG  A 1 4  ? 7.405   2.861   -0.423  1.00 0.00 ? 5   DG  A "H1'"  1 
ATOM   121 H  H8     . DG  A 1 4  ? 10.438  0.744   0.630   1.00 0.00 ? 5   DG  A H8     1 
ATOM   122 H  H1     . DG  A 1 4  ? 4.898   -0.555  3.712   1.00 0.00 ? 5   DG  A H1     1 
ATOM   123 H  H21    . DG  A 1 4  ? 3.414   0.700   3.021   1.00 0.00 ? 5   DG  A H21    1 
ATOM   124 H  H22    . DG  A 1 4  ? 3.639   1.922   1.790   1.00 0.00 ? 5   DG  A H22    1 
ATOM   125 P  P      . DC  A 1 5  ? 8.644   6.560   -1.322  1.00 0.00 ? 6   DC  A P      1 
ATOM   126 O  OP1    . DC  A 1 5  ? 7.680   7.350   -2.120  1.00 0.00 ? 6   DC  A OP1    1 
ATOM   127 O  OP2    . DC  A 1 5  ? 10.042  7.041   -1.270  1.00 0.00 ? 6   DC  A OP2    1 
ATOM   128 O  "O5'"  . DC  A 1 5  ? 8.093   6.477   0.178   1.00 0.00 ? 6   DC  A "O5'"  1 
ATOM   129 C  "C5'"  . DC  A 1 5  ? 6.817   5.897   0.439   1.00 0.00 ? 6   DC  A "C5'"  1 
ATOM   130 C  "C4'"  . DC  A 1 5  ? 6.419   6.139   1.877   1.00 0.00 ? 6   DC  A "C4'"  1 
ATOM   131 O  "O4'"  . DC  A 1 5  ? 6.892   5.067   2.675   1.00 0.00 ? 6   DC  A "O4'"  1 
ATOM   132 C  "C3'"  . DC  A 1 5  ? 7.053   7.375   2.507   1.00 0.00 ? 6   DC  A "C3'"  1 
ATOM   133 O  "O3'"  . DC  A 1 5  ? 6.057   8.112   3.212   1.00 0.00 ? 6   DC  A "O3'"  1 
ATOM   134 C  "C2'"  . DC  A 1 5  ? 8.112   6.850   3.436   1.00 0.00 ? 6   DC  A "C2'"  1 
ATOM   135 C  "C1'"  . DC  A 1 5  ? 7.480   5.530   3.869   1.00 0.00 ? 6   DC  A "C1'"  1 
ATOM   136 N  N1     . DC  A 1 5  ? 8.457   4.554   4.397   1.00 0.00 ? 6   DC  A N1     1 
ATOM   137 C  C2     . DC  A 1 5  ? 8.404   4.257   5.758   1.00 0.00 ? 6   DC  A C2     1 
ATOM   138 O  O2     . DC  A 1 5  ? 7.551   4.817   6.453   1.00 0.00 ? 6   DC  A O2     1 
ATOM   139 N  N3     . DC  A 1 5  ? 9.283   3.372   6.262   1.00 0.00 ? 6   DC  A N3     1 
ATOM   140 C  C4     . DC  A 1 5  ? 10.187  2.782   5.505   1.00 0.00 ? 6   DC  A C4     1 
ATOM   141 N  N4     . DC  A 1 5  ? 11.045  1.912   6.021   1.00 0.00 ? 6   DC  A N4     1 
ATOM   142 C  C5     . DC  A 1 5  ? 10.262  3.073   4.092   1.00 0.00 ? 6   DC  A C5     1 
ATOM   143 C  C6     . DC  A 1 5  ? 9.381   3.958   3.604   1.00 0.00 ? 6   DC  A C6     1 
ATOM   144 H  "H5'"  . DC  A 1 5  ? 6.834   4.821   0.262   1.00 0.00 ? 6   DC  A "H5'"  1 
ATOM   145 H  "H5''" . DC  A 1 5  ? 6.051   6.329   -0.208  1.00 0.00 ? 6   DC  A "H5''" 1 
ATOM   146 H  "H4'"  . DC  A 1 5  ? 5.337   6.267   1.930   1.00 0.00 ? 6   DC  A "H4'"  1 
ATOM   147 H  "H3'"  . DC  A 1 5  ? 7.459   8.040   1.742   1.00 0.00 ? 6   DC  A "H3'"  1 
ATOM   148 H  "H2'"  . DC  A 1 5  ? 9.034   6.712   2.875   1.00 0.00 ? 6   DC  A "H2'"  1 
ATOM   149 H  "H2''" . DC  A 1 5  ? 8.264   7.569   4.237   1.00 0.00 ? 6   DC  A "H2''" 1 
ATOM   150 H  "H1'"  . DC  A 1 5  ? 6.717   5.724   4.622   1.00 0.00 ? 6   DC  A "H1'"  1 
ATOM   151 H  H41    . DC  A 1 5  ? 11.011  1.692   7.007   1.00 0.00 ? 6   DC  A H41    1 
ATOM   152 H  H42    . DC  A 1 5  ? 11.732  1.468   5.429   1.00 0.00 ? 6   DC  A H42    1 
ATOM   153 H  H5     . DC  A 1 5  ? 11.006  2.586   3.480   1.00 0.00 ? 6   DC  A H5     1 
ATOM   154 H  H6     . DC  A 1 5  ? 9.393   4.211   2.555   1.00 0.00 ? 6   DC  A H6     1 
ATOM   155 P  P      . DA  A 1 6  ? 5.213   9.242   2.458   1.00 0.00 ? 7   DA  A P      1 
ATOM   156 O  OP1    . DA  A 1 6  ? 5.937   9.678   1.243   1.00 0.00 ? 7   DA  A OP1    1 
ATOM   157 O  OP2    . DA  A 1 6  ? 4.806   10.288  3.422   1.00 0.00 ? 7   DA  A OP2    1 
ATOM   158 O  "O5'"  . DA  A 1 6  ? 3.896   8.460   1.994   1.00 0.00 ? 7   DA  A "O5'"  1 
ATOM   159 C  "C5'"  . DA  A 1 6  ? 2.754   8.419   2.847   1.00 0.00 ? 7   DA  A "C5'"  1 
ATOM   160 C  "C4'"  . DA  A 1 6  ? 1.488   8.398   2.019   1.00 0.00 ? 7   DA  A "C4'"  1 
ATOM   161 O  "O4'"  . DA  A 1 6  ? 1.630   7.533   0.917   1.00 0.00 ? 7   DA  A "O4'"  1 
ATOM   162 C  "C3'"  . DA  A 1 6  ? 0.301   7.724   2.700   1.00 0.00 ? 7   DA  A "C3'"  1 
ATOM   163 O  "O3'"  . DA  A 1 6  ? -0.913  8.231   2.150   1.00 0.00 ? 7   DA  A "O3'"  1 
ATOM   164 C  "C2'"  . DA  A 1 6  ? 0.463   6.256   2.418   1.00 0.00 ? 7   DA  A "C2'"  1 
ATOM   165 C  "C1'"  . DA  A 1 6  ? 0.956   6.296   0.975   1.00 0.00 ? 7   DA  A "C1'"  1 
ATOM   166 N  N9     . DA  A 1 6  ? 1.860   5.179   0.630   1.00 0.00 ? 7   DA  A N9     1 
ATOM   167 C  C8     . DA  A 1 6  ? 1.887   3.946   1.178   1.00 0.00 ? 7   DA  A C8     1 
ATOM   168 N  N7     . DA  A 1 6  ? 2.822   3.168   0.645   1.00 0.00 ? 7   DA  A N7     1 
ATOM   169 C  C5     . DA  A 1 6  ? 3.416   3.965   -0.297  1.00 0.00 ? 7   DA  A C5     1 
ATOM   170 C  C6     . DA  A 1 6  ? 4.474   3.719   -1.198  1.00 0.00 ? 7   DA  A C6     1 
ATOM   171 N  N6     . DA  A 1 6  ? 5.146   2.543   -1.292  1.00 0.00 ? 7   DA  A N6     1 
ATOM   172 N  N1     . DA  A 1 6  ? 4.842   4.735   -2.024  1.00 0.00 ? 7   DA  A N1     1 
ATOM   173 C  C2     . DA  A 1 6  ? 4.179   5.910   -1.936  1.00 0.00 ? 7   DA  A C2     1 
ATOM   174 N  N3     . DA  A 1 6  ? 3.163   6.253   -1.122  1.00 0.00 ? 7   DA  A N3     1 
ATOM   175 C  C4     . DA  A 1 6  ? 2.844   5.197   -0.324  1.00 0.00 ? 7   DA  A C4     1 
ATOM   176 H  "H5'"  . DA  A 1 6  ? 2.723   9.291   3.501   1.00 0.00 ? 7   DA  A "H5'"  1 
ATOM   177 H  "H5''" . DA  A 1 6  ? 2.768   7.529   3.477   1.00 0.00 ? 7   DA  A "H5''" 1 
ATOM   178 H  "H4'"  . DA  A 1 6  ? 1.192   9.424   1.797   1.00 0.00 ? 7   DA  A "H4'"  1 
ATOM   179 H  "H3'"  . DA  A 1 6  ? 0.285   7.946   3.768   1.00 0.00 ? 7   DA  A "H3'"  1 
ATOM   180 H  "H2'"  . DA  A 1 6  ? 1.201   5.846   3.105   1.00 0.00 ? 7   DA  A "H2'"  1 
ATOM   181 H  "H2''" . DA  A 1 6  ? -0.496  5.763   2.560   1.00 0.00 ? 7   DA  A "H2''" 1 
ATOM   182 H  "H1'"  . DA  A 1 6  ? 0.101   6.294   0.300   1.00 0.00 ? 7   DA  A "H1'"  1 
ATOM   183 H  H8     . DA  A 1 6  ? 1.202   3.668   1.966   1.00 0.00 ? 7   DA  A H8     1 
ATOM   184 H  H61    . DA  A 1 6  ? 5.895   2.442   -1.963  1.00 0.00 ? 7   DA  A H61    1 
ATOM   185 H  H62    . DA  A 1 6  ? 4.897   1.769   -0.692  1.00 0.00 ? 7   DA  A H62    1 
ATOM   186 H  H2     . DA  A 1 6  ? 4.568   6.627   -2.645  1.00 0.00 ? 7   DA  A H2     1 
ATOM   187 P  P      . DG  A 1 7  ? -2.314  7.868   2.830   1.00 0.00 ? 8   DG  A P      1 
ATOM   188 O  OP1    . DG  A 1 7  ? -3.279  8.966   2.602   1.00 0.00 ? 8   DG  A OP1    1 
ATOM   189 O  OP2    . DG  A 1 7  ? -2.092  7.435   4.228   1.00 0.00 ? 8   DG  A OP2    1 
ATOM   190 O  "O5'"  . DG  A 1 7  ? -2.803  6.596   1.991   1.00 0.00 ? 8   DG  A "O5'"  1 
ATOM   191 C  "C5'"  . DG  A 1 7  ? -2.729  6.611   0.567   1.00 0.00 ? 8   DG  A "C5'"  1 
ATOM   192 C  "C4'"  . DG  A 1 7  ? -2.968  5.222   0.020   1.00 0.00 ? 8   DG  A "C4'"  1 
ATOM   193 O  "O4'"  . DG  A 1 7  ? -2.003  4.424   0.588   1.00 0.00 ? 8   DG  A "O4'"  1 
ATOM   194 C  "C3'"  . DG  A 1 7  ? -4.192  4.518   0.602   1.00 0.00 ? 8   DG  A "C3'"  1 
ATOM   195 O  "O3'"  . DG  A 1 7  ? -5.325  4.777   -0.224  1.00 0.00 ? 8   DG  A "O3'"  1 
ATOM   196 C  "C2'"  . DG  A 1 7  ? -3.840  3.057   0.614   1.00 0.00 ? 8   DG  A "C2'"  1 
ATOM   197 C  "C1'"  . DG  A 1 7  ? -2.368  3.115   0.215   1.00 0.00 ? 8   DG  A "C1'"  1 
ATOM   198 N  N9     . DG  A 1 7  ? -1.531  2.109   0.902   1.00 0.00 ? 8   DG  A N9     1 
ATOM   199 C  C8     . DG  A 1 7  ? -1.710  1.602   2.139   1.00 0.00 ? 8   DG  A C8     1 
ATOM   200 N  N7     . DG  A 1 7  ? -0.779  0.712   2.468   1.00 0.00 ? 8   DG  A N7     1 
ATOM   201 C  C5     . DG  A 1 7  ? 0.031   0.661   1.365   1.00 0.00 ? 8   DG  A C5     1 
ATOM   202 C  C6     . DG  A 1 7  ? 1.192   -0.093  1.093   1.00 0.00 ? 8   DG  A C6     1 
ATOM   203 O  O6     . DG  A 1 7  ? 1.715   -0.898  1.861   1.00 0.00 ? 8   DG  A O6     1 
ATOM   204 N  N1     . DG  A 1 7  ? 1.782   0.084   -0.121  1.00 0.00 ? 8   DG  A N1     1 
ATOM   205 C  C2     . DG  A 1 7  ? 1.229   0.963   -0.986  1.00 0.00 ? 8   DG  A C2     1 
ATOM   206 N  N2     . DG  A 1 7  ? 1.918   1.023   -2.122  1.00 0.00 ? 8   DG  A N2     1 
ATOM   207 N  N3     . DG  A 1 7  ? 0.133   1.729   -0.833  1.00 0.00 ? 8   DG  A N3     1 
ATOM   208 C  C4     . DG  A 1 7  ? -0.410  1.506   0.397   1.00 0.00 ? 8   DG  A C4     1 
ATOM   209 H  "H5'"  . DG  A 1 7  ? -1.748  6.949   0.231   1.00 0.00 ? 8   DG  A "H5'"  1 
ATOM   210 H  "H5''" . DG  A 1 7  ? -3.477  7.282   0.144   1.00 0.00 ? 8   DG  A "H5''" 1 
ATOM   211 H  "H4'"  . DG  A 1 7  ? -3.116  5.285   -1.059  1.00 0.00 ? 8   DG  A "H4'"  1 
ATOM   212 H  "H3'"  . DG  A 1 7  ? -4.427  4.901   1.596   1.00 0.00 ? 8   DG  A "H3'"  1 
ATOM   213 H  "H2'"  . DG  A 1 7  ? -3.990  2.668   1.618   1.00 0.00 ? 8   DG  A "H2'"  1 
ATOM   214 H  "H2''" . DG  A 1 7  ? -4.485  2.535   -0.091  1.00 0.00 ? 8   DG  A "H2''" 1 
ATOM   215 H  "H1'"  . DG  A 1 7  ? -2.280  2.985   -0.864  1.00 0.00 ? 8   DG  A "H1'"  1 
ATOM   216 H  H8     . DG  A 1 7  ? -2.536  1.916   2.761   1.00 0.00 ? 8   DG  A H8     1 
ATOM   217 H  H1     . DG  A 1 7  ? 2.615   -0.425  -0.381  1.00 0.00 ? 8   DG  A H1     1 
ATOM   218 H  H21    . DG  A 1 7  ? 2.741   0.450   -2.244  1.00 0.00 ? 8   DG  A H21    1 
ATOM   219 H  H22    . DG  A 1 7  ? 1.619   1.639   -2.863  1.00 0.00 ? 8   DG  A H22    1 
ATOM   220 P  P      . DT  A 1 8  ? -5.320  4.317   -1.757  1.00 0.00 ? 9   DT  A P      1 
ATOM   221 O  OP1    . DT  A 1 8  ? -4.072  3.577   -2.052  1.00 0.00 ? 9   DT  A OP1    1 
ATOM   222 O  OP2    . DT  A 1 8  ? -5.651  5.470   -2.624  1.00 0.00 ? 9   DT  A OP2    1 
ATOM   223 O  "O5'"  . DT  A 1 8  ? -6.537  3.281   -1.826  1.00 0.00 ? 9   DT  A "O5'"  1 
ATOM   224 C  "C5'"  . DT  A 1 8  ? -6.283  1.879   -1.783  1.00 0.00 ? 9   DT  A "C5'"  1 
ATOM   225 C  "C4'"  . DT  A 1 8  ? -6.951  1.266   -0.572  1.00 0.00 ? 9   DT  A "C4'"  1 
ATOM   226 O  "O4'"  . DT  A 1 8  ? -6.630  1.695   0.697   1.00 0.00 ? 9   DT  A "O4'"  1 
ATOM   227 C  "C3'"  . DT  A 1 8  ? -8.438  1.583   -0.445  1.00 0.00 ? 9   DT  A "C3'"  1 
ATOM   228 O  "O3'"  . DT  A 1 8  ? -9.158  0.900   -1.468  1.00 0.00 ? 9   DT  A "O3'"  1 
ATOM   229 C  "C2'"  . DT  A 1 8  ? -8.831  1.100   0.924   1.00 0.00 ? 9   DT  A "C2'"  1 
ATOM   230 C  "C1'"  . DT  A 1 8  ? -7.569  1.429   1.715   1.00 0.00 ? 9   DT  A "C1'"  1 
ATOM   231 N  N1     . DT  A 1 8  ? -7.725  2.591   2.615   1.00 0.00 ? 9   DT  A N1     1 
ATOM   232 C  C2     . DT  A 1 8  ? -8.393  2.368   3.779   1.00 0.00 ? 9   DT  A C2     1 
ATOM   233 O  O2     . DT  A 1 8  ? -8.853  1.283   4.097   1.00 0.00 ? 9   DT  A O2     1 
ATOM   234 N  N3     . DT  A 1 8  ? -8.539  3.449   4.619   1.00 0.00 ? 9   DT  A N3     1 
ATOM   235 C  C4     . DT  A 1 8  ? -8.052  4.700   4.337   1.00 0.00 ? 9   DT  A C4     1 
ATOM   236 O  O4     . DT  A 1 8  ? -8.071  5.389   5.221   1.00 0.00 ? 9   DT  A O4     1 
ATOM   237 C  C5     . DT  A 1 8  ? -7.362  4.879   3.109   1.00 0.00 ? 9   DT  A C5     1 
ATOM   238 C  C7     . DT  A 1 8  ? -6.807  6.236   2.746   1.00 0.00 ? 9   DT  A C7     1 
ATOM   239 C  C6     . DT  A 1 8  ? -7.233  3.818   2.310   1.00 0.00 ? 9   DT  A C6     1 
ATOM   240 H  "H5'"  . DT  A 1 8  ? -5.212  1.677   -1.725  1.00 0.00 ? 9   DT  A "H5'"  1 
ATOM   241 H  "H5''" . DT  A 1 8  ? -6.668  1.385   -2.676  1.00 0.00 ? 9   DT  A "H5''" 1 
ATOM   242 H  "H4'"  . DT  A 1 8  ? -6.855  0.181   -0.624  1.00 0.00 ? 9   DT  A "H4'"  1 
ATOM   243 H  "H3'"  . DT  A 1 8  ? -8.624  2.650   -0.582  1.00 0.00 ? 9   DT  A "H3'"  1 
ATOM   244 H  "H2'"  . DT  A 1 8  ? -9.699  1.664   1.259   1.00 0.00 ? 9   DT  A "H2'"  1 
ATOM   245 H  "H2''" . DT  A 1 8  ? -9.071  0.039   0.865   1.00 0.00 ? 9   DT  A "H2''" 1 
ATOM   246 H  "H1'"  . DT  A 1 8  ? -7.268  0.557   2.295   1.00 0.00 ? 9   DT  A "H1'"  1 
ATOM   247 H  H71    . DT  A 1 8  ? -7.617  6.898   2.443   1.00 0.00 ? 9   DT  A H71    1 
ATOM   248 H  H72    . DT  A 1 8  ? -6.099  6.136   1.923   1.00 0.00 ? 9   DT  A H72    1 
ATOM   249 H  H73    . DT  A 1 8  ? -6.294  6.667   3.606   1.00 0.00 ? 9   DT  A H73    1 
ATOM   250 H  H6     . DT  A 1 8  ? -6.715  3.912   1.366   1.00 0.00 ? 9   DT  A H6     1 
ATOM   251 P  P      . DG  A 1 9  ? -9.431  1.619   -2.872  1.00 0.00 ? 10  DG  A P      1 
ATOM   252 O  OP1    . DG  A 1 9  ? -8.918  3.006   -2.829  1.00 0.00 ? 10  DG  A OP1    1 
ATOM   253 O  OP2    . DG  A 1 9  ? -10.845 1.426   -3.263  1.00 0.00 ? 10  DG  A OP2    1 
ATOM   254 O  "O5'"  . DG  A 1 9  ? -8.519  0.785   -3.887  1.00 0.00 ? 10  DG  A "O5'"  1 
ATOM   255 C  "C5'"  . DG  A 1 9  ? -7.876  1.446   -4.975  1.00 0.00 ? 10  DG  A "C5'"  1 
ATOM   256 C  "C4'"  . DG  A 1 9  ? -6.934  0.495   -5.678  1.00 0.00 ? 10  DG  A "C4'"  1 
ATOM   257 O  "O4'"  . DG  A 1 9  ? -5.757  0.323   -4.903  1.00 0.00 ? 10  DG  A "O4'"  1 
ATOM   258 C  "C3'"  . DG  A 1 9  ? -7.474  -0.924  -5.839  1.00 0.00 ? 10  DG  A "C3'"  1 
ATOM   259 O  "O3'"  . DG  A 1 9  ? -7.231  -1.374  -7.171  1.00 0.00 ? 10  DG  A "O3'"  1 
ATOM   260 C  "C2'"  . DG  A 1 9  ? -6.727  -1.751  -4.831  1.00 0.00 ? 10  DG  A "C2'"  1 
ATOM   261 C  "C1'"  . DG  A 1 9  ? -5.380  -1.032  -4.817  1.00 0.00 ? 10  DG  A "C1'"  1 
ATOM   262 N  N9     . DG  A 1 9  ? -4.588  -1.290  -3.596  1.00 0.00 ? 10  DG  A N9     1 
ATOM   263 C  C8     . DG  A 1 9  ? -4.950  -1.056  -2.319  1.00 0.00 ? 10  DG  A C8     1 
ATOM   264 N  N7     . DG  A 1 9  ? -4.009  -1.398  -1.446  1.00 0.00 ? 10  DG  A N7     1 
ATOM   265 C  C5     . DG  A 1 9  ? -2.994  -1.879  -2.230  1.00 0.00 ? 10  DG  A C5     1 
ATOM   266 C  C6     . DG  A 1 9  ? -1.723  -2.396  -1.900  1.00 0.00 ? 10  DG  A C6     1 
ATOM   267 O  O6     . DG  A 1 9  ? -1.275  -2.513  -0.761  1.00 0.00 ? 10  DG  A O6     1 
ATOM   268 N  N1     . DG  A 1 9  ? -0.926  -2.799  -2.927  1.00 0.00 ? 10  DG  A N1     1 
ATOM   269 C  C2     . DG  A 1 9  ? -1.393  -2.682  -4.190  1.00 0.00 ? 10  DG  A C2     1 
ATOM   270 N  N2     . DG  A 1 9  ? -0.501  -3.116  -5.078  1.00 0.00 ? 10  DG  A N2     1 
ATOM   271 N  N3     . DG  A 1 9  ? -2.578  -2.207  -4.617  1.00 0.00 ? 10  DG  A N3     1 
ATOM   272 C  C4     . DG  A 1 9  ? -3.325  -1.822  -3.546  1.00 0.00 ? 10  DG  A C4     1 
ATOM   273 H  "H5'"  . DG  A 1 9  ? -7.302  2.306   -4.628  1.00 0.00 ? 10  DG  A "H5'"  1 
ATOM   274 H  "H5''" . DG  A 1 9  ? -8.608  1.804   -5.701  1.00 0.00 ? 10  DG  A "H5''" 1 
ATOM   275 H  "H4'"  . DG  A 1 9  ? -6.724  0.876   -6.678  1.00 0.00 ? 10  DG  A "H4'"  1 
ATOM   276 H  "H3'"  . DG  A 1 9  ? -8.554  -0.950  -5.686  1.00 0.00 ? 10  DG  A "H3'"  1 
ATOM   277 H  "H2'"  . DG  A 1 9  ? -7.246  -1.694  -3.876  1.00 0.00 ? 10  DG  A "H2'"  1 
ATOM   278 H  "H2''" . DG  A 1 9  ? -6.692  -2.780  -5.179  1.00 0.00 ? 10  DG  A "H2''" 1 
ATOM   279 H  "H1'"  . DG  A 1 9  ? -4.804  -1.326  -5.694  1.00 0.00 ? 10  DG  A "H1'"  1 
ATOM   280 H  H8     . DG  A 1 9  ? -5.915  -0.631  -2.077  1.00 0.00 ? 10  DG  A H8     1 
ATOM   281 H  H1     . DG  A 1 9  ? -0.005  -3.179  -2.762  1.00 0.00 ? 10  DG  A H1     1 
ATOM   282 H  H21    . DG  A 1 9  ? 0.391   -3.474  -4.765  1.00 0.00 ? 10  DG  A H21    1 
ATOM   283 H  H22    . DG  A 1 9  ? -0.715  -3.089  -6.064  1.00 0.00 ? 10  DG  A H22    1 
ATOM   284 P  P      . DC  A 1 10 ? -8.242  -2.403  -7.864  1.00 0.00 ? 11  DC  A P      1 
ATOM   285 O  OP1    . DC  A 1 10 ? -8.992  -1.715  -8.939  1.00 0.00 ? 11  DC  A OP1    1 
ATOM   286 O  OP2    . DC  A 1 10 ? -9.028  -3.106  -6.826  1.00 0.00 ? 11  DC  A OP2    1 
ATOM   287 O  "O5'"  . DC  A 1 10 ? -7.261  -3.466  -8.547  1.00 0.00 ? 11  DC  A "O5'"  1 
ATOM   288 C  "C5'"  . DC  A 1 10 ? -6.114  -3.018  -9.266  1.00 0.00 ? 11  DC  A "C5'"  1 
ATOM   289 C  "C4'"  . DC  A 1 10 ? -5.020  -4.060  -9.200  1.00 0.00 ? 11  DC  A "C4'"  1 
ATOM   290 O  "O4'"  . DC  A 1 10 ? -4.598  -4.231  -7.861  1.00 0.00 ? 11  DC  A "O4'"  1 
ATOM   291 C  "C3'"  . DC  A 1 10 ? -5.461  -5.464  -9.600  1.00 0.00 ? 11  DC  A "C3'"  1 
ATOM   292 O  "O3'"  . DC  A 1 10 ? -4.431  -6.085  -10.367 1.00 0.00 ? 11  DC  A "O3'"  1 
ATOM   293 C  "C2'"  . DC  A 1 10 ? -5.699  -6.190  -8.306  1.00 0.00 ? 11  DC  A "C2'"  1 
ATOM   294 C  "C1'"  . DC  A 1 10 ? -4.612  -5.574  -7.431  1.00 0.00 ? 11  DC  A "C1'"  1 
ATOM   295 N  N1     . DC  A 1 10 ? -4.897  -5.667  -5.983  1.00 0.00 ? 11  DC  A N1     1 
ATOM   296 C  C2     . DC  A 1 10 ? -3.843  -6.007  -5.137  1.00 0.00 ? 11  DC  A C2     1 
ATOM   297 O  O2     . DC  A 1 10 ? -2.729  -6.212  -5.631  1.00 0.00 ? 11  DC  A O2     1 
ATOM   298 N  N3     . DC  A 1 10 ? -4.077  -6.099  -3.815  1.00 0.00 ? 11  DC  A N3     1 
ATOM   299 C  C4     . DC  A 1 10 ? -5.272  -5.877  -3.304  1.00 0.00 ? 11  DC  A C4     1 
ATOM   300 N  N4     . DC  A 1 10 ? -5.483  -5.972  -1.998  1.00 0.00 ? 11  DC  A N4     1 
ATOM   301 C  C5     . DC  A 1 10 ? -6.381  -5.523  -4.160  1.00 0.00 ? 11  DC  A C5     1 
ATOM   302 C  C6     . DC  A 1 10 ? -6.132  -5.435  -5.474  1.00 0.00 ? 11  DC  A C6     1 
ATOM   303 H  "H5'"  . DC  A 1 10 ? -5.729  -2.087  -8.848  1.00 0.00 ? 11  DC  A "H5'"  1 
ATOM   304 H  "H5''" . DC  A 1 10 ? -6.355  -2.839  -10.315 1.00 0.00 ? 11  DC  A "H5''" 1 
ATOM   305 H  "H4'"  . DC  A 1 10 ? -4.212  -3.770  -9.875  1.00 0.00 ? 11  DC  A "H4'"  1 
ATOM   306 H  "H3'"  . DC  A 1 10 ? -6.351  -5.429  -10.231 1.00 0.00 ? 11  DC  A "H3'"  1 
ATOM   307 H  "HO3'" . DC  A 1 10 ? -3.537  -6.083  -9.816  1.00 0.00 ? 11  DC  A "HO3'" 1 
ATOM   308 H  "H2'"  . DC  A 1 10 ? -6.703  -5.961  -7.955  1.00 0.00 ? 11  DC  A "H2'"  1 
ATOM   309 H  "H2''" . DC  A 1 10 ? -5.596  -7.259  -8.479  1.00 0.00 ? 11  DC  A "H2''" 1 
ATOM   310 H  "H1'"  . DC  A 1 10 ? -3.658  -6.055  -7.645  1.00 0.00 ? 11  DC  A "H1'"  1 
ATOM   311 H  H41    . DC  A 1 10 ? -4.723  -6.218  -1.380  1.00 0.00 ? 11  DC  A H41    1 
ATOM   312 H  H42    . DC  A 1 10 ? -6.404  -5.799  -1.621  1.00 0.00 ? 11  DC  A H42    1 
ATOM   313 H  H5     . DC  A 1 10 ? -7.356  -5.343  -3.733  1.00 0.00 ? 11  DC  A H5     1 
ATOM   314 H  H6     . DC  A 1 10 ? -6.926  -5.174  -6.158  1.00 0.00 ? 11  DC  A H6     1 
HETATM 315 C  C2     . C4Q B 2 .  ? -4.924  2.105   3.824   1.00 0.00 ? 101 C4Q A C2     1 
HETATM 316 C  C3     . C4Q B 2 .  ? -5.478  2.085   5.091   1.00 0.00 ? 101 C4Q A C3     1 
HETATM 317 C  C4     . C4Q B 2 .  ? -5.733  0.831   5.695   1.00 0.00 ? 101 C4Q A C4     1 
HETATM 318 C  C5     . C4Q B 2 .  ? -5.624  -1.680  5.466   1.00 0.00 ? 101 C4Q A C5     1 
HETATM 319 N  N5     . C4Q B 2 .  ? -4.697  0.958   3.174   1.00 0.00 ? 101 C4Q A N5     1 
HETATM 320 C  C6     . C4Q B 2 .  ? -5.281  -2.816  4.709   1.00 0.00 ? 101 C4Q A C6     1 
HETATM 321 C  C7     . C4Q B 2 .  ? -4.721  -2.689  3.427   1.00 0.00 ? 101 C4Q A C7     1 
HETATM 322 C  C8     . C4Q B 2 .  ? -4.505  -1.420  2.870   1.00 0.00 ? 101 C4Q A C8     1 
HETATM 323 C  C9     . C4Q B 2 .  ? -4.866  -0.277  3.649   1.00 0.00 ? 101 C4Q A C9     1 
HETATM 324 C  CM     . C4Q B 2 .  ? -6.167  0.815   7.172   1.00 0.00 ? 101 C4Q A CM     1 
HETATM 325 C  "C1'"  . C4Q B 2 .  ? -7.682  0.975   9.038   1.00 0.00 ? 101 C4Q A "C1'"  1 
HETATM 326 N  "N1'"  . C4Q B 2 .  ? -7.408  1.544   7.658   1.00 0.00 ? 101 C4Q A "N1'"  1 
HETATM 327 C  C10    . C4Q B 2 .  ? -5.420  -0.373  4.960   1.00 0.00 ? 101 C4Q A C10    1 
HETATM 328 C  "C2'"  . C4Q B 2 .  ? -8.102  -0.515  9.167   1.00 0.00 ? 101 C4Q A "C2'"  1 
HETATM 329 N  "N2'"  . C4Q B 2 .  ? -9.302  -0.873  8.384   1.00 0.00 ? 101 C4Q A "N2'"  1 
HETATM 330 C  "C3'"  . C4Q B 2 .  ? -10.571 -0.233  8.793   1.00 0.00 ? 101 C4Q A "C3'"  1 
HETATM 331 N  "N3'"  . C4Q B 2 .  ? -11.133 1.579   7.024   1.00 0.00 ? 101 C4Q A "N3'"  1 
HETATM 332 C  "C4'"  . C4Q B 2 .  ? -11.410 0.211   7.576   1.00 0.00 ? 101 C4Q A "C4'"  1 
HETATM 333 N  "N4'"  . C4Q B 2 .  ? -9.443  3.696   7.859   1.00 0.00 ? 101 C4Q A "N4'"  1 
HETATM 334 C  "C5'"  . C4Q B 2 .  ? -11.661 2.645   7.926   1.00 0.00 ? 101 C4Q A "C5'"  1 
HETATM 335 C  "C6'"  . C4Q B 2 .  ? -10.557 3.309   8.753   1.00 0.00 ? 101 C4Q A "C6'"  1 
HETATM 336 C  "C7'"  . C4Q B 2 .  ? -8.148  3.847   8.565   1.00 0.00 ? 101 C4Q A "C7'"  1 
HETATM 337 C  "C8'"  . C4Q B 2 .  ? -7.056  2.994   7.883   1.00 0.00 ? 101 C4Q A "C8'"  1 
HETATM 338 H  H2     . C4Q B 2 .  ? -4.730  3.069   3.384   1.00 0.00 ? 101 C4Q A H2     1 
HETATM 339 H  H3     . C4Q B 2 .  ? -5.636  3.091   5.479   1.00 0.00 ? 101 C4Q A H3     1 
HETATM 340 H  H5     . C4Q B 2 .  ? -6.050  -1.878  6.433   1.00 0.00 ? 101 C4Q A H5     1 
HETATM 341 H  H6     . C4Q B 2 .  ? -5.443  -3.802  5.119   1.00 0.00 ? 101 C4Q A H6     1 
HETATM 342 H  H7     . C4Q B 2 .  ? -4.450  -3.570  2.864   1.00 0.00 ? 101 C4Q A H7     1 
HETATM 343 H  H8     . C4Q B 2 .  ? -4.043  -1.427  1.856   1.00 0.00 ? 101 C4Q A H8     1 
HETATM 344 H  "H1'"  . C4Q B 2 .  ? -8.474  1.535   9.516   1.00 0.00 ? 101 C4Q A "H1'"  1 
HETATM 345 H  "H1'A" . C4Q B 2 .  ? -6.793  1.114   9.656   1.00 0.00 ? 101 C4Q A "H1'A" 1 
HETATM 346 H  "H2'"  . C4Q B 2 .  ? -8.299  -0.727  10.219  1.00 0.00 ? 101 C4Q A "H2'"  1 
HETATM 347 H  "H2'A" . C4Q B 2 .  ? -7.283  -1.165  8.865   1.00 0.00 ? 101 C4Q A "H2'A" 1 
HETATM 348 H  "H3'"  . C4Q B 2 .  ? -10.398 0.607   9.455   1.00 0.00 ? 101 C4Q A "H3'"  1 
HETATM 349 H  "H4'"  . C4Q B 2 .  ? -12.463 0.163   7.852   1.00 0.00 ? 101 C4Q A "H4'"  1 
HETATM 350 H  "H5'"  . C4Q B 2 .  ? -12.445 2.262   8.581   1.00 0.00 ? 101 C4Q A "H5'"  1 
HETATM 351 H  "H5'A" . C4Q B 2 .  ? -12.100 3.419   7.296   1.00 0.00 ? 101 C4Q A "H5'A" 1 
HETATM 352 H  "H6'"  . C4Q B 2 .  ? -10.216 2.614   9.515   1.00 0.00 ? 101 C4Q A "H6'"  1 
HETATM 353 H  "H6'A" . C4Q B 2 .  ? -10.950 4.193   9.255   1.00 0.00 ? 101 C4Q A "H6'A" 1 
HETATM 354 H  "H7'"  . C4Q B 2 .  ? -8.234  3.580   9.618   1.00 0.00 ? 101 C4Q A "H7'"  1 
HETATM 355 H  "H7'A" . C4Q B 2 .  ? -7.846  4.894   8.520   1.00 0.00 ? 101 C4Q A "H7'A" 1 
HETATM 356 H  "H8'"  . C4Q B 2 .  ? -6.141  3.075   8.472   1.00 0.00 ? 101 C4Q A "H8'"  1 
HETATM 357 H  "H8'A" . C4Q B 2 .  ? -6.891  3.466   6.924   1.00 0.00 ? 101 C4Q A "H8'A" 1 
HETATM 358 H  "H3'A" . C4Q B 2 .  ? -11.143 -0.972  9.355   1.00 0.00 ? 101 C4Q A "H3'A" 1 
HETATM 359 H  "H4'A" . C4Q B 2 .  ? -11.254 -0.517  6.779   1.00 0.00 ? 101 C4Q A "H4'A" 1 
HETATM 360 H  HM     . C4Q B 2 .  ? -5.312  1.164   7.753   1.00 0.00 ? 101 C4Q A HM     1 
HETATM 361 H  HMA    . C4Q B 2 .  ? -6.270  -0.220  7.446   1.00 0.00 ? 101 C4Q A HMA    1 
HETATM 362 H  "HN2'" . C4Q B 2 .  ? -9.414  -1.878  8.338   1.00 0.00 ? 101 C4Q A "HN2'" 1 
HETATM 363 H  "HN3'" . C4Q B 2 .  ? -11.748 1.602   6.216   1.00 0.00 ? 101 C4Q A "HN3'" 1 
HETATM 364 H  "HN4'" . C4Q B 2 .  ? -9.686  4.609   7.487   1.00 0.00 ? 101 C4Q A "HN4'" 1 
HETATM 365 ZN ZN     . ZN  C 3 .  ? -9.047  2.423   5.586   1.00 0.00 ? 102 ZN  A ZN     1 
# 
